data_6RXG
#
_entry.id   6RXG
#
_cell.length_a   54.600
_cell.length_b   72.760
_cell.length_c   87.330
_cell.angle_alpha   71.43
_cell.angle_beta   72.21
_cell.angle_gamma   76.75
#
_symmetry.space_group_name_H-M   'P 1'
#
loop_
_entity.id
_entity.type
_entity.pdbx_description
1 polymer 'Histidine acid phosphatase'
2 polymer 'Histidine acid phosphatase'
3 non-polymer 'PHOSPHATE ION'
4 non-polymer 'ZINC ION'
5 water water
#
loop_
_entity_poly.entity_id
_entity_poly.type
_entity_poly.pdbx_seq_one_letter_code
_entity_poly.pdbx_strand_id
1 'polypeptide(L)'
;GSHMASMEADGRYYSSKQPYVAPNDATASSYSKAPKGYGPIYTESMARHGSRGLSSYKYDALLMRMAETAARDGGFKSEA
IKAEFVKNLSGITAANVENGYGMLTGQGAQQHYGIGERAYQRNRSLFDQAAADGGTIAYQSSGEARATESGENFEKGFNE
ASGGRLIGNVSAPTNPADSGNGKDFQKNPDTLYFHKVQNPDGTSKVPGTKAYDIANNYQNFVANDATIAGAEKTIGDNVD
VKRASHDLLSQIFTEEFLAKLENGEYKWYNTTDGTKKGGKNCAPGADASKDPDACGEVSKKIKSEYDAAMDLYNLYIIAA
DMHNENTGDHTFAFDQYFQGAYADDARMFAWALDAEDFYEKGPSYAGQNETYSIAQPLLDDFLNTIDARVNGGSTVATFR
FAHAQTMMPFAALLGLPGSTQQAPASTTDVYTYGNNEWRGESVTPMAANVQWDVYARKGEDPATGQRYTPIVRMLYNENE
VPFRSECTPVADGSTWYKLTELKSCLAADHKTLGQDARI
;
A
2 'polypeptide(L)'
;GSHMASMEADGRYYSSKQPYVAPNDATASSYSKAPKGYGPIYTESMAR(NEP)GSRGLSSYKYDALLMRMAETAARDGGF
KSEAIKAEFVKNLSGITAANVENGYGMLTGQGAQQHYGIGERAYQRNRSLFDQAAADGGTIAYQSSGEARATESGENFEK
GFNEASGGRLIGNVSAPTNPADSGNGKDFQKNPDTLYFHKVQNPDGTSKVPGTKAYDIANNYQNFVANDATIAGAEKTIG
DNVDVKRASHDLLSQIFTEEFLAKLENGEYKWYNTTDGTKKGGKNCAPGADASKDPDACGEVSKKIKSEYDAAMDLYNLY
IIAADMHNENTGDHTFAFDQYFQGAYADDARMFAWALDAEDFYEKGPSYAGQNETYSIAQPLLDDFLNTIDARVNGGSTV
ATFRFAHAQTMMPFAALLGLPGSTQQAPASTTDVYTYGNNEWRGESVTPMAANVQWDVYARKGEDPATGQRYTPIVRMLY
NENEVPFRSECTPVADGSTWYKLTELKSCLAADHKTLGQDARI
;
B
#
loop_
_chem_comp.id
_chem_comp.type
_chem_comp.name
_chem_comp.formula
PO4 non-polymer 'PHOSPHATE ION' 'O4 P -3'
ZN non-polymer 'ZINC ION' 'Zn 2'
#
# COMPACT_ATOMS: atom_id res chain seq x y z
N GLY A 11 -3.49 -2.12 -9.93
CA GLY A 11 -2.87 -2.33 -11.23
C GLY A 11 -3.33 -1.36 -12.32
N ARG A 12 -4.19 -0.40 -11.94
CA ARG A 12 -4.72 0.57 -12.90
C ARG A 12 -4.16 1.98 -12.74
N TYR A 13 -3.77 2.40 -11.54
CA TYR A 13 -3.04 3.66 -11.31
C TYR A 13 -3.75 4.88 -11.90
N TYR A 14 -4.86 5.24 -11.25
CA TYR A 14 -5.66 6.40 -11.64
C TYR A 14 -5.32 7.65 -10.85
N SER A 15 -4.38 7.57 -9.90
CA SER A 15 -4.03 8.75 -9.12
C SER A 15 -5.31 9.36 -8.53
N SER A 16 -5.39 10.68 -8.44
CA SER A 16 -6.56 11.32 -7.84
C SER A 16 -7.74 11.43 -8.80
N LYS A 17 -7.71 10.79 -9.97
CA LYS A 17 -8.91 10.55 -10.76
C LYS A 17 -9.55 9.21 -10.42
N GLN A 18 -8.98 8.48 -9.47
CA GLN A 18 -9.55 7.22 -9.00
C GLN A 18 -11.06 7.36 -8.76
N PRO A 19 -11.89 6.57 -9.42
CA PRO A 19 -13.32 6.59 -9.08
C PRO A 19 -13.55 6.15 -7.65
N TYR A 20 -14.50 6.81 -6.99
CA TYR A 20 -14.81 6.49 -5.60
C TYR A 20 -15.19 5.01 -5.47
N VAL A 21 -14.71 4.38 -4.41
CA VAL A 21 -15.02 3.00 -4.10
C VAL A 21 -16.00 2.99 -2.92
N ALA A 22 -17.26 2.71 -3.22
CA ALA A 22 -18.26 2.74 -2.18
C ALA A 22 -18.03 1.61 -1.19
N PRO A 23 -18.40 1.82 0.08
CA PRO A 23 -18.28 0.72 1.07
C PRO A 23 -19.15 -0.47 0.70
N ASN A 24 -18.62 -1.67 0.95
CA ASN A 24 -19.43 -2.86 0.82
C ASN A 24 -20.37 -2.98 2.04
N ASP A 25 -21.40 -3.82 1.91
CA ASP A 25 -22.38 -3.92 2.97
C ASP A 25 -21.78 -4.40 4.29
N ALA A 26 -20.60 -5.01 4.26
CA ALA A 26 -19.91 -5.36 5.49
C ALA A 26 -19.38 -4.11 6.20
N THR A 27 -18.60 -3.29 5.48
CA THR A 27 -18.12 -2.04 6.06
C THR A 27 -19.28 -1.16 6.51
N ALA A 28 -20.23 -0.91 5.61
CA ALA A 28 -21.30 0.02 5.89
C ALA A 28 -22.14 -0.40 7.09
N SER A 29 -22.12 -1.67 7.46
CA SER A 29 -22.96 -2.15 8.55
C SER A 29 -22.19 -2.35 9.85
N SER A 30 -20.88 -2.11 9.85
CA SER A 30 -20.08 -2.40 11.03
C SER A 30 -19.43 -1.15 11.63
N TYR A 31 -19.99 0.05 11.40
CA TYR A 31 -19.47 1.22 12.09
C TYR A 31 -19.71 1.07 13.58
N SER A 32 -18.74 1.51 14.37
CA SER A 32 -18.81 1.23 15.80
C SER A 32 -19.96 1.98 16.45
N LYS A 33 -20.52 1.37 17.48
CA LYS A 33 -21.53 2.00 18.31
C LYS A 33 -20.87 2.89 19.34
N ALA A 34 -21.54 4.01 19.65
CA ALA A 34 -21.07 4.89 20.70
C ALA A 34 -21.27 4.24 22.06
N PRO A 35 -20.53 4.70 23.08
CA PRO A 35 -20.72 4.14 24.42
C PRO A 35 -22.16 4.21 24.90
N LYS A 36 -22.54 3.22 25.70
CA LYS A 36 -23.83 3.20 26.36
C LYS A 36 -24.17 4.57 26.93
N GLY A 37 -25.37 5.06 26.61
CA GLY A 37 -25.86 6.32 27.13
C GLY A 37 -25.73 7.48 26.17
N TYR A 38 -24.96 7.31 25.10
CA TYR A 38 -24.70 8.38 24.14
C TYR A 38 -25.55 8.19 22.90
N GLY A 39 -26.18 9.27 22.44
CA GLY A 39 -26.98 9.24 21.24
C GLY A 39 -26.61 10.38 20.31
N PRO A 40 -27.03 10.31 19.04
CA PRO A 40 -26.56 11.29 18.06
C PRO A 40 -27.19 12.66 18.25
N ILE A 41 -26.37 13.70 18.02
CA ILE A 41 -26.87 15.07 18.03
C ILE A 41 -26.46 15.87 16.79
N TYR A 42 -25.52 15.37 15.99
CA TYR A 42 -24.99 16.16 14.88
C TYR A 42 -24.14 15.28 13.98
N THR A 43 -24.11 15.60 12.69
CA THR A 43 -23.14 14.99 11.78
C THR A 43 -22.74 16.04 10.76
N GLU A 44 -21.61 15.84 10.11
CA GLU A 44 -21.20 16.81 9.10
C GLU A 44 -20.20 16.16 8.16
N SER A 45 -19.98 16.83 7.04
CA SER A 45 -19.15 16.29 5.98
C SER A 45 -18.48 17.40 5.20
N MET A 46 -17.39 17.02 4.56
CA MET A 46 -16.87 17.73 3.40
C MET A 46 -16.47 16.68 2.38
N ALA A 47 -17.02 16.81 1.18
CA ALA A 47 -16.77 15.89 0.09
C ALA A 47 -16.26 16.66 -1.12
N ARG A 48 -15.24 16.09 -1.75
CA ARG A 48 -14.86 16.51 -3.09
C ARG A 48 -15.98 16.20 -4.08
N HIS A 49 -16.05 17.01 -5.16
CA HIS A 49 -16.97 16.67 -6.24
C HIS A 49 -16.66 15.26 -6.73
N GLY A 50 -17.63 14.63 -7.38
CA GLY A 50 -17.40 13.32 -7.96
C GLY A 50 -16.66 13.42 -9.28
N SER A 51 -16.51 12.26 -9.92
CA SER A 51 -15.83 12.14 -11.20
C SER A 51 -16.30 13.20 -12.18
N ARG A 52 -15.35 13.67 -12.99
CA ARG A 52 -15.58 14.76 -13.92
C ARG A 52 -14.96 14.42 -15.27
N GLY A 53 -15.38 15.14 -16.30
CA GLY A 53 -14.67 15.12 -17.56
C GLY A 53 -13.39 15.93 -17.50
N LEU A 54 -12.75 16.06 -18.68
CA LEU A 54 -11.58 16.92 -18.81
C LEU A 54 -11.89 18.34 -18.37
N SER A 55 -10.89 19.00 -17.75
CA SER A 55 -11.08 20.36 -17.26
C SER A 55 -11.13 21.35 -18.41
N SER A 56 -10.39 21.08 -19.49
CA SER A 56 -10.41 21.95 -20.65
C SER A 56 -9.91 21.18 -21.86
N TYR A 57 -10.05 21.82 -23.03
CA TYR A 57 -9.51 21.33 -24.30
C TYR A 57 -8.01 21.54 -24.27
N LYS A 58 -7.25 20.49 -23.89
CA LYS A 58 -5.83 20.65 -23.59
C LYS A 58 -5.07 19.36 -23.86
N TYR A 59 -5.26 18.35 -23.02
CA TYR A 59 -4.55 17.08 -23.25
C TYR A 59 -5.00 16.44 -24.55
N ASP A 60 -6.31 16.45 -24.79
CA ASP A 60 -6.85 15.91 -26.02
C ASP A 60 -6.49 16.80 -27.21
N ALA A 61 -6.48 18.12 -26.99
CA ALA A 61 -6.13 19.04 -28.06
C ALA A 61 -4.69 18.85 -28.50
N LEU A 62 -3.77 18.79 -27.53
CA LEU A 62 -2.36 18.72 -27.87
C LEU A 62 -2.00 17.40 -28.53
N LEU A 63 -2.56 16.29 -28.03
CA LEU A 63 -2.28 15.01 -28.67
C LEU A 63 -2.85 14.94 -30.09
N MET A 64 -3.97 15.62 -30.36
CA MET A 64 -4.46 15.67 -31.73
C MET A 64 -3.50 16.45 -32.61
N ARG A 65 -2.94 17.55 -32.12
CA ARG A 65 -1.95 18.27 -32.91
C ARG A 65 -0.74 17.39 -33.18
N MET A 66 -0.31 16.63 -32.17
CA MET A 66 0.80 15.69 -32.36
C MET A 66 0.44 14.62 -33.39
N ALA A 67 -0.80 14.13 -33.34
CA ALA A 67 -1.25 13.10 -34.27
C ALA A 67 -1.24 13.62 -35.70
N GLU A 68 -1.63 14.88 -35.88
CA GLU A 68 -1.64 15.46 -37.22
C GLU A 68 -0.23 15.49 -37.81
N THR A 69 0.75 15.91 -37.01
CA THR A 69 2.12 15.92 -37.49
C THR A 69 2.63 14.51 -37.72
N ALA A 70 2.34 13.59 -36.81
CA ALA A 70 2.79 12.21 -37.01
C ALA A 70 2.20 11.64 -38.30
N ALA A 71 0.92 11.90 -38.57
CA ALA A 71 0.33 11.40 -39.81
C ALA A 71 1.03 12.00 -41.03
N ARG A 72 1.34 13.30 -40.98
CA ARG A 72 2.00 13.93 -42.13
C ARG A 72 3.38 13.34 -42.37
N ASP A 73 4.08 12.99 -41.30
CA ASP A 73 5.47 12.58 -41.38
C ASP A 73 5.66 11.05 -41.35
N GLY A 74 4.58 10.28 -41.39
CA GLY A 74 4.71 8.83 -41.33
C GLY A 74 5.24 8.37 -39.99
N GLY A 75 4.83 9.02 -38.91
CA GLY A 75 5.33 8.68 -37.59
C GLY A 75 4.48 7.74 -36.77
N PHE A 76 3.40 7.18 -37.32
CA PHE A 76 2.64 6.15 -36.61
C PHE A 76 3.16 4.77 -36.99
N LYS A 77 3.01 3.82 -36.07
CA LYS A 77 3.54 2.49 -36.31
C LYS A 77 2.78 1.71 -37.38
N SER A 78 1.55 2.08 -37.65
CA SER A 78 0.74 1.44 -38.67
C SER A 78 -0.46 2.34 -38.91
N GLU A 79 -1.13 2.12 -40.03
CA GLU A 79 -2.33 2.90 -40.31
C GLU A 79 -3.47 2.53 -39.36
N ALA A 80 -3.52 1.28 -38.91
CA ALA A 80 -4.58 0.89 -37.96
C ALA A 80 -4.35 1.53 -36.60
N ILE A 81 -3.09 1.63 -36.19
CA ILE A 81 -2.77 2.24 -34.89
C ILE A 81 -3.01 3.74 -34.96
N LYS A 82 -2.68 4.35 -36.09
CA LYS A 82 -3.05 5.75 -36.32
C LYS A 82 -4.56 5.93 -36.21
N ALA A 83 -5.32 5.10 -36.91
CA ALA A 83 -6.77 5.30 -36.95
C ALA A 83 -7.36 5.17 -35.56
N GLU A 84 -6.86 4.21 -34.79
CA GLU A 84 -7.38 3.95 -33.46
C GLU A 84 -7.04 5.09 -32.52
N PHE A 85 -5.83 5.62 -32.60
CA PHE A 85 -5.42 6.73 -31.74
C PHE A 85 -6.27 7.96 -32.01
N VAL A 86 -6.47 8.29 -33.30
CA VAL A 86 -7.25 9.46 -33.65
C VAL A 86 -8.71 9.25 -33.28
N LYS A 87 -9.22 8.04 -33.47
CA LYS A 87 -10.58 7.71 -33.01
C LYS A 87 -10.71 7.95 -31.51
N ASN A 88 -9.73 7.50 -30.73
CA ASN A 88 -9.83 7.65 -29.27
C ASN A 88 -9.80 9.13 -28.87
N LEU A 89 -8.92 9.92 -29.48
CA LEU A 89 -8.87 11.35 -29.20
C LEU A 89 -10.18 12.03 -29.59
N SER A 90 -10.64 11.79 -30.81
CA SER A 90 -11.89 12.41 -31.29
C SER A 90 -13.05 12.04 -30.41
N GLY A 91 -13.08 10.79 -29.96
CA GLY A 91 -14.21 10.30 -29.17
C GLY A 91 -14.30 10.95 -27.79
N ILE A 92 -13.17 11.06 -27.08
CA ILE A 92 -13.21 11.65 -25.75
C ILE A 92 -13.39 13.16 -25.85
N THR A 93 -12.82 13.80 -26.89
CA THR A 93 -13.13 15.20 -27.13
C THR A 93 -14.63 15.41 -27.34
N ALA A 94 -15.23 14.62 -28.23
CA ALA A 94 -16.67 14.73 -28.50
C ALA A 94 -17.47 14.55 -27.23
N ALA A 95 -17.11 13.55 -26.42
CA ALA A 95 -17.84 13.27 -25.19
C ALA A 95 -17.76 14.45 -24.22
N ASN A 96 -16.62 15.15 -24.17
CA ASN A 96 -16.52 16.33 -23.30
C ASN A 96 -17.27 17.53 -23.87
N VAL A 97 -17.30 17.69 -25.20
CA VAL A 97 -18.13 18.76 -25.75
C VAL A 97 -19.58 18.51 -25.37
N GLU A 98 -20.01 17.24 -25.40
CA GLU A 98 -21.41 16.91 -25.11
C GLU A 98 -21.73 17.08 -23.64
N ASN A 99 -20.83 16.66 -22.76
CA ASN A 99 -21.10 16.78 -21.33
C ASN A 99 -20.79 18.18 -20.82
N GLY A 100 -19.87 18.88 -21.47
CA GLY A 100 -19.38 20.16 -20.97
C GLY A 100 -18.05 19.95 -20.28
N TYR A 101 -17.01 20.61 -20.77
CA TYR A 101 -15.72 20.46 -20.12
C TYR A 101 -15.83 20.89 -18.66
N GLY A 102 -15.16 20.16 -17.80
CA GLY A 102 -15.15 20.46 -16.39
C GLY A 102 -16.38 20.00 -15.64
N MET A 103 -17.33 19.36 -16.31
CA MET A 103 -18.60 19.01 -15.68
C MET A 103 -18.59 17.61 -15.06
N LEU A 104 -19.40 17.47 -14.02
CA LEU A 104 -19.66 16.18 -13.39
C LEU A 104 -20.06 15.16 -14.45
N THR A 105 -19.65 13.92 -14.27
CA THR A 105 -20.11 12.82 -15.11
C THR A 105 -21.19 12.01 -14.41
N GLY A 106 -21.75 11.07 -15.15
CA GLY A 106 -22.75 10.18 -14.58
C GLY A 106 -22.17 9.38 -13.40
N GLN A 107 -20.94 8.89 -13.55
CA GLN A 107 -20.30 8.20 -12.44
C GLN A 107 -20.19 9.11 -11.22
N GLY A 108 -19.82 10.39 -11.44
CA GLY A 108 -19.71 11.32 -10.33
C GLY A 108 -21.04 11.60 -9.64
N ALA A 109 -22.11 11.68 -10.42
CA ALA A 109 -23.44 11.85 -9.81
C ALA A 109 -23.82 10.61 -9.01
N GLN A 110 -23.55 9.43 -9.57
CA GLN A 110 -23.88 8.19 -8.87
C GLN A 110 -23.07 8.05 -7.58
N GLN A 111 -21.80 8.46 -7.60
CA GLN A 111 -20.99 8.42 -6.38
C GLN A 111 -21.68 9.20 -5.27
N HIS A 112 -22.09 10.44 -5.58
CA HIS A 112 -22.65 11.30 -4.54
C HIS A 112 -24.06 10.87 -4.15
N TYR A 113 -24.85 10.35 -5.10
CA TYR A 113 -26.14 9.76 -4.75
C TYR A 113 -25.99 8.68 -3.67
N GLY A 114 -25.00 7.79 -3.85
CA GLY A 114 -24.82 6.72 -2.89
C GLY A 114 -24.30 7.22 -1.56
N ILE A 115 -23.39 8.18 -1.60
CA ILE A 115 -22.87 8.75 -0.35
C ILE A 115 -24.00 9.41 0.42
N GLY A 116 -24.87 10.14 -0.28
CA GLY A 116 -26.01 10.76 0.37
C GLY A 116 -26.97 9.75 0.96
N GLU A 117 -27.29 8.70 0.21
CA GLU A 117 -28.18 7.66 0.73
C GLU A 117 -27.61 7.09 2.02
N ARG A 118 -26.33 6.79 2.01
CA ARG A 118 -25.69 6.15 3.15
C ARG A 118 -25.52 7.12 4.31
N ALA A 119 -25.40 8.43 4.03
CA ALA A 119 -25.33 9.41 5.11
C ALA A 119 -26.63 9.41 5.92
N TYR A 120 -27.76 9.43 5.23
CA TYR A 120 -29.03 9.32 5.97
C TYR A 120 -29.06 8.02 6.76
N GLN A 121 -28.70 6.91 6.12
CA GLN A 121 -28.88 5.62 6.77
C GLN A 121 -28.04 5.53 8.03
N ARG A 122 -26.79 6.02 8.00
CA ARG A 122 -25.91 5.89 9.15
C ARG A 122 -26.44 6.63 10.37
N ASN A 123 -27.19 7.71 10.15
CA ASN A 123 -27.69 8.57 11.21
C ASN A 123 -29.21 8.65 11.16
N ARG A 124 -29.85 7.54 10.84
CA ARG A 124 -31.29 7.53 10.66
C ARG A 124 -32.02 8.10 11.87
N SER A 125 -31.58 7.74 13.09
CA SER A 125 -32.29 8.21 14.28
C SER A 125 -32.14 9.73 14.44
N LEU A 126 -30.95 10.27 14.17
CA LEU A 126 -30.77 11.72 14.23
C LEU A 126 -31.74 12.42 13.30
N PHE A 127 -31.82 11.95 12.06
CA PHE A 127 -32.61 12.65 11.06
C PHE A 127 -34.10 12.43 11.26
N ASP A 128 -34.52 11.23 11.69
CA ASP A 128 -35.93 11.02 11.97
C ASP A 128 -36.39 11.88 13.14
N GLN A 129 -35.52 12.06 14.14
CA GLN A 129 -35.83 12.98 15.22
C GLN A 129 -35.90 14.42 14.71
N ALA A 130 -34.97 14.77 13.81
CA ALA A 130 -34.94 16.14 13.29
C ALA A 130 -36.22 16.46 12.55
N ALA A 131 -36.75 15.49 11.79
CA ALA A 131 -37.99 15.72 11.05
C ALA A 131 -39.16 15.94 11.99
N ALA A 132 -39.15 15.29 13.16
CA ALA A 132 -40.24 15.41 14.12
C ALA A 132 -40.12 16.64 15.01
N ASP A 133 -38.90 17.18 15.17
CA ASP A 133 -38.63 18.20 16.19
C ASP A 133 -38.08 19.51 15.61
N GLY A 134 -38.16 19.70 14.30
CA GLY A 134 -37.74 20.95 13.71
C GLY A 134 -36.24 21.12 13.56
N GLY A 135 -35.50 20.04 13.41
CA GLY A 135 -34.09 20.16 13.09
C GLY A 135 -33.88 20.62 11.66
N THR A 136 -32.69 21.14 11.37
CA THR A 136 -32.44 21.63 10.02
C THR A 136 -31.15 21.03 9.49
N ILE A 137 -31.08 20.97 8.15
CA ILE A 137 -29.93 20.46 7.42
C ILE A 137 -29.39 21.58 6.57
N ALA A 138 -28.08 21.80 6.64
CA ALA A 138 -27.44 22.86 5.88
C ALA A 138 -26.57 22.24 4.79
N TYR A 139 -26.76 22.70 3.55
CA TYR A 139 -25.97 22.30 2.38
C TYR A 139 -25.08 23.44 1.94
N GLN A 140 -23.80 23.15 1.64
CA GLN A 140 -22.85 24.18 1.22
C GLN A 140 -22.01 23.68 0.06
N SER A 141 -21.65 24.62 -0.82
CA SER A 141 -20.83 24.37 -1.99
C SER A 141 -19.78 25.47 -2.09
N SER A 142 -18.67 25.14 -2.74
CA SER A 142 -17.72 26.18 -3.15
C SER A 142 -18.36 27.19 -4.10
N GLY A 143 -19.41 26.78 -4.82
CA GLY A 143 -19.96 27.54 -5.92
C GLY A 143 -19.55 27.02 -7.30
N GLU A 144 -18.52 26.20 -7.37
CA GLU A 144 -18.13 25.56 -8.63
C GLU A 144 -19.22 24.57 -9.05
N ALA A 145 -19.54 24.55 -10.34
CA ALA A 145 -20.64 23.74 -10.86
C ALA A 145 -20.52 22.27 -10.45
N ARG A 146 -19.36 21.64 -10.66
CA ARG A 146 -19.32 20.21 -10.39
C ARG A 146 -19.41 19.91 -8.89
N ALA A 147 -18.99 20.86 -8.04
CA ALA A 147 -19.22 20.73 -6.61
C ALA A 147 -20.71 20.84 -6.27
N THR A 148 -21.36 21.89 -6.77
CA THR A 148 -22.79 22.04 -6.50
C THR A 148 -23.58 20.86 -7.05
N GLU A 149 -23.25 20.39 -8.26
CA GLU A 149 -24.03 19.31 -8.86
C GLU A 149 -23.78 18.01 -8.13
N SER A 150 -22.56 17.82 -7.61
CA SER A 150 -22.30 16.72 -6.69
C SER A 150 -23.23 16.78 -5.48
N GLY A 151 -23.31 17.95 -4.86
CA GLY A 151 -24.19 18.12 -3.71
C GLY A 151 -25.64 17.86 -4.03
N GLU A 152 -26.09 18.32 -5.20
CA GLU A 152 -27.47 18.08 -5.64
C GLU A 152 -27.77 16.58 -5.70
N ASN A 153 -26.79 15.78 -6.12
CA ASN A 153 -26.99 14.35 -6.22
C ASN A 153 -26.93 13.67 -4.86
N PHE A 154 -26.04 14.14 -3.99
CA PHE A 154 -26.07 13.72 -2.58
C PHE A 154 -27.44 14.00 -1.96
N GLU A 155 -27.94 15.23 -2.14
CA GLU A 155 -29.23 15.61 -1.60
C GLU A 155 -30.34 14.71 -2.15
N LYS A 156 -30.28 14.38 -3.45
CA LYS A 156 -31.29 13.49 -4.01
C LYS A 156 -31.23 12.10 -3.37
N GLY A 157 -30.01 11.55 -3.20
CA GLY A 157 -29.88 10.25 -2.55
C GLY A 157 -30.31 10.28 -1.10
N PHE A 158 -29.96 11.35 -0.39
CA PHE A 158 -30.41 11.51 0.98
C PHE A 158 -31.93 11.57 1.06
N ASN A 159 -32.55 12.35 0.18
CA ASN A 159 -34.00 12.49 0.23
C ASN A 159 -34.70 11.20 -0.16
N GLU A 160 -34.16 10.46 -1.13
CA GLU A 160 -34.79 9.20 -1.50
C GLU A 160 -34.69 8.18 -0.37
N ALA A 161 -33.52 8.09 0.25
CA ALA A 161 -33.35 7.13 1.34
C ALA A 161 -34.27 7.43 2.51
N SER A 162 -34.60 8.70 2.75
CA SER A 162 -35.46 9.12 3.84
C SER A 162 -36.91 9.34 3.42
N GLY A 163 -37.29 8.89 2.23
CA GLY A 163 -38.67 9.06 1.75
C GLY A 163 -39.13 10.50 1.67
N GLY A 164 -38.17 11.42 1.54
CA GLY A 164 -38.48 12.83 1.42
C GLY A 164 -38.94 13.48 2.70
N ARG A 165 -38.83 12.79 3.84
CA ARG A 165 -39.38 13.33 5.07
C ARG A 165 -38.58 14.50 5.62
N LEU A 166 -37.41 14.79 5.06
CA LEU A 166 -36.60 15.91 5.51
C LEU A 166 -36.61 17.09 4.55
N ILE A 167 -37.40 17.04 3.47
CA ILE A 167 -37.31 18.08 2.45
C ILE A 167 -37.70 19.44 3.01
N GLY A 168 -38.60 19.47 3.99
CA GLY A 168 -39.00 20.72 4.60
C GLY A 168 -38.09 21.22 5.70
N ASN A 169 -36.98 20.51 5.96
CA ASN A 169 -36.07 20.84 7.05
C ASN A 169 -34.74 21.39 6.55
N VAL A 170 -34.69 21.89 5.32
CA VAL A 170 -33.45 22.40 4.75
C VAL A 170 -33.32 23.88 5.06
N SER A 171 -32.12 24.27 5.53
CA SER A 171 -31.81 25.67 5.78
C SER A 171 -31.79 26.45 4.46
N ALA A 172 -32.43 27.63 4.44
CA ALA A 172 -32.50 28.42 3.22
C ALA A 172 -31.23 29.26 3.08
N PRO A 173 -30.48 29.10 1.99
CA PRO A 173 -29.25 29.89 1.86
C PRO A 173 -29.54 31.37 1.77
N THR A 174 -28.60 32.15 2.28
CA THR A 174 -28.60 33.58 1.98
C THR A 174 -27.80 33.92 0.73
N ASN A 175 -26.92 33.02 0.30
CA ASN A 175 -26.17 33.21 -0.95
C ASN A 175 -26.20 31.90 -1.73
N PRO A 176 -27.35 31.57 -2.32
CA PRO A 176 -27.48 30.27 -2.99
C PRO A 176 -26.60 30.15 -4.23
N ALA A 177 -26.18 28.92 -4.50
CA ALA A 177 -25.33 28.67 -5.67
C ALA A 177 -26.05 29.02 -6.96
N ASP A 178 -27.34 28.77 -7.02
CA ASP A 178 -28.16 29.25 -8.15
C ASP A 178 -29.61 29.22 -7.71
N SER A 179 -30.49 29.71 -8.58
CA SER A 179 -31.91 29.82 -8.25
C SER A 179 -32.71 28.64 -8.78
N GLY A 180 -32.03 27.59 -9.25
CA GLY A 180 -32.70 26.39 -9.71
C GLY A 180 -32.41 25.17 -8.86
N ASN A 181 -31.85 24.13 -9.47
CA ASN A 181 -31.57 22.89 -8.75
C ASN A 181 -30.57 23.10 -7.61
N GLY A 182 -29.78 24.16 -7.64
CA GLY A 182 -28.80 24.41 -6.61
C GLY A 182 -29.30 25.33 -5.53
N LYS A 183 -30.61 25.57 -5.44
CA LYS A 183 -31.09 26.64 -4.56
C LYS A 183 -30.89 26.34 -3.08
N ASP A 184 -30.64 25.08 -2.73
CA ASP A 184 -30.44 24.72 -1.33
C ASP A 184 -28.99 24.87 -0.89
N PHE A 185 -28.09 25.27 -1.79
CA PHE A 185 -26.65 25.25 -1.51
C PHE A 185 -26.13 26.65 -1.22
N GLN A 186 -25.74 26.88 0.03
CA GLN A 186 -25.06 28.10 0.43
C GLN A 186 -23.62 28.09 -0.09
N LYS A 187 -23.24 29.12 -0.84
CA LYS A 187 -21.86 29.25 -1.29
C LYS A 187 -21.00 29.64 -0.11
N ASN A 188 -19.91 28.92 0.10
CA ASN A 188 -19.00 29.21 1.22
C ASN A 188 -17.58 29.00 0.74
N PRO A 189 -17.10 29.86 -0.17
CA PRO A 189 -15.74 29.67 -0.68
C PRO A 189 -14.65 29.96 0.33
N ASP A 190 -14.96 30.56 1.48
CA ASP A 190 -13.93 30.77 2.49
C ASP A 190 -13.52 29.47 3.16
N THR A 191 -14.43 28.49 3.27
CA THR A 191 -14.07 27.18 3.81
C THR A 191 -13.97 26.10 2.74
N LEU A 192 -14.49 26.36 1.54
CA LEU A 192 -14.53 25.35 0.50
C LEU A 192 -13.74 25.75 -0.74
N TYR A 193 -13.07 26.90 -0.71
CA TYR A 193 -12.25 27.35 -1.83
C TYR A 193 -11.19 28.29 -1.27
N PHE A 194 -10.56 27.89 -0.18
CA PHE A 194 -9.64 28.78 0.54
C PHE A 194 -8.28 28.90 -0.13
N HIS A 195 -8.05 28.22 -1.25
CA HIS A 195 -6.71 28.19 -1.83
C HIS A 195 -6.52 29.27 -2.90
N LYS A 196 -7.59 29.95 -3.30
CA LYS A 196 -7.54 30.97 -4.34
C LYS A 196 -8.27 32.23 -3.87
N VAL A 197 -7.79 33.37 -4.34
CA VAL A 197 -8.49 34.63 -4.10
C VAL A 197 -9.77 34.70 -4.93
N GLN A 198 -9.72 34.24 -6.17
CA GLN A 198 -10.90 34.27 -7.02
C GLN A 198 -11.83 33.14 -6.62
N ASN A 199 -13.11 33.43 -6.57
CA ASN A 199 -14.09 32.43 -6.23
C ASN A 199 -14.72 31.83 -7.48
N PRO A 200 -15.25 30.61 -7.39
CA PRO A 200 -15.79 29.98 -8.60
C PRO A 200 -16.97 30.70 -9.20
N ASP A 201 -17.73 31.46 -8.42
CA ASP A 201 -18.87 32.20 -8.95
C ASP A 201 -18.48 33.50 -9.61
N GLY A 202 -17.17 33.76 -9.73
CA GLY A 202 -16.69 34.95 -10.40
C GLY A 202 -16.46 36.14 -9.49
N THR A 203 -16.94 36.09 -8.24
CA THR A 203 -16.56 37.09 -7.27
C THR A 203 -15.13 36.82 -6.81
N SER A 204 -14.59 37.75 -6.03
CA SER A 204 -13.30 37.54 -5.39
C SER A 204 -13.42 37.74 -3.89
N LYS A 205 -12.53 37.09 -3.16
CA LYS A 205 -12.40 37.37 -1.75
C LYS A 205 -12.01 38.82 -1.54
N VAL A 206 -12.52 39.42 -0.48
CA VAL A 206 -12.39 40.86 -0.27
C VAL A 206 -11.03 41.14 0.37
N PRO A 207 -10.22 42.06 -0.19
CA PRO A 207 -8.89 42.29 0.37
C PRO A 207 -8.95 42.65 1.85
N GLY A 208 -8.01 42.11 2.60
CA GLY A 208 -7.95 42.33 4.02
C GLY A 208 -8.74 41.37 4.85
N THR A 209 -9.66 40.61 4.26
CA THR A 209 -10.29 39.56 5.04
C THR A 209 -9.28 38.44 5.31
N LYS A 210 -9.56 37.70 6.37
CA LYS A 210 -8.74 36.53 6.68
C LYS A 210 -8.66 35.62 5.47
N ALA A 211 -9.80 35.39 4.82
CA ALA A 211 -9.82 34.46 3.69
C ALA A 211 -8.94 34.96 2.54
N TYR A 212 -9.01 36.26 2.26
CA TYR A 212 -8.19 36.83 1.21
C TYR A 212 -6.72 36.67 1.53
N ASP A 213 -6.34 36.97 2.77
CA ASP A 213 -4.93 36.88 3.17
C ASP A 213 -4.43 35.44 3.12
N ILE A 214 -5.26 34.49 3.54
CA ILE A 214 -4.84 33.10 3.50
C ILE A 214 -4.57 32.68 2.06
N ALA A 215 -5.51 32.94 1.15
CA ALA A 215 -5.34 32.56 -0.25
C ALA A 215 -4.18 33.30 -0.89
N ASN A 216 -4.11 34.61 -0.68
CA ASN A 216 -3.07 35.40 -1.29
C ASN A 216 -1.67 34.95 -0.84
N ASN A 217 -1.50 34.75 0.48
CA ASN A 217 -0.20 34.31 1.00
C ASN A 217 0.17 32.93 0.45
N TYR A 218 -0.78 32.01 0.39
CA TYR A 218 -0.52 30.68 -0.14
C TYR A 218 -0.09 30.76 -1.61
N GLN A 219 -0.84 31.50 -2.43
CA GLN A 219 -0.49 31.60 -3.84
C GLN A 219 0.91 32.18 -4.01
N ASN A 220 1.23 33.21 -3.25
CA ASN A 220 2.56 33.80 -3.35
C ASN A 220 3.64 32.83 -2.89
N PHE A 221 3.35 32.04 -1.84
CA PHE A 221 4.32 31.06 -1.35
C PHE A 221 4.62 30.01 -2.42
N VAL A 222 3.58 29.39 -2.98
CA VAL A 222 3.81 28.26 -3.87
C VAL A 222 4.43 28.74 -5.17
N ALA A 223 4.12 29.96 -5.60
CA ALA A 223 4.66 30.50 -6.83
C ALA A 223 6.17 30.75 -6.75
N ASN A 224 6.70 30.91 -5.55
CA ASN A 224 8.07 31.37 -5.37
C ASN A 224 8.96 30.42 -4.59
N ASP A 225 8.41 29.32 -4.09
CA ASP A 225 9.19 28.46 -3.21
C ASP A 225 10.18 27.63 -4.01
N ALA A 226 11.45 27.71 -3.62
CA ALA A 226 12.50 27.07 -4.40
C ALA A 226 12.57 25.57 -4.16
N THR A 227 12.20 25.11 -2.95
CA THR A 227 12.22 23.67 -2.70
C THR A 227 11.18 22.95 -3.56
N ILE A 228 9.96 23.49 -3.57
CA ILE A 228 8.88 22.90 -4.37
C ILE A 228 9.27 22.91 -5.85
N ALA A 229 9.76 24.05 -6.34
CA ALA A 229 10.09 24.15 -7.75
C ALA A 229 11.22 23.21 -8.13
N GLY A 230 12.28 23.15 -7.31
CA GLY A 230 13.38 22.25 -7.61
C GLY A 230 12.97 20.80 -7.54
N ALA A 231 12.15 20.43 -6.54
CA ALA A 231 11.74 19.03 -6.41
C ALA A 231 10.89 18.61 -7.60
N GLU A 232 9.98 19.47 -8.05
CA GLU A 232 9.17 19.14 -9.21
C GLU A 232 10.03 19.05 -10.47
N LYS A 233 11.07 19.89 -10.57
CA LYS A 233 11.99 19.80 -11.71
C LYS A 233 12.71 18.46 -11.70
N THR A 234 13.25 18.07 -10.54
CA THR A 234 13.89 16.77 -10.40
C THR A 234 12.97 15.66 -10.89
N ILE A 235 11.69 15.72 -10.54
CA ILE A 235 10.80 14.61 -10.87
C ILE A 235 10.44 14.65 -12.35
N GLY A 236 10.20 15.84 -12.88
CA GLY A 236 9.86 15.97 -14.29
C GLY A 236 10.97 15.49 -15.21
N ASP A 237 12.23 15.68 -14.80
CA ASP A 237 13.39 15.30 -15.60
C ASP A 237 13.97 13.95 -15.21
N ASN A 238 13.32 13.24 -14.30
CA ASN A 238 13.82 11.96 -13.84
C ASN A 238 13.99 10.99 -15.02
N VAL A 239 15.10 10.24 -15.02
CA VAL A 239 15.40 9.41 -16.18
C VAL A 239 14.38 8.26 -16.32
N ASP A 240 13.86 7.75 -15.20
CA ASP A 240 12.88 6.67 -15.28
C ASP A 240 11.53 7.18 -15.77
N VAL A 241 11.19 8.43 -15.46
CA VAL A 241 9.97 9.01 -16.02
C VAL A 241 10.12 9.16 -17.53
N LYS A 242 11.30 9.60 -17.99
CA LYS A 242 11.51 9.73 -19.42
C LYS A 242 11.49 8.37 -20.10
N ARG A 243 12.09 7.36 -19.47
CA ARG A 243 12.07 6.03 -20.06
C ARG A 243 10.64 5.50 -20.14
N ALA A 244 9.87 5.71 -19.07
CA ALA A 244 8.46 5.29 -19.08
C ALA A 244 7.69 6.01 -20.18
N SER A 245 8.00 7.29 -20.39
CA SER A 245 7.29 8.07 -21.39
C SER A 245 7.56 7.49 -22.77
N HIS A 246 8.82 7.20 -23.07
CA HIS A 246 9.15 6.58 -24.35
C HIS A 246 8.48 5.22 -24.50
N ASP A 247 8.57 4.39 -23.47
CA ASP A 247 8.01 3.05 -23.52
C ASP A 247 6.54 3.10 -23.87
N LEU A 248 5.78 3.96 -23.20
CA LEU A 248 4.36 4.12 -23.50
C LEU A 248 4.14 4.56 -24.94
N LEU A 249 4.82 5.62 -25.35
CA LEU A 249 4.51 6.22 -26.64
C LEU A 249 4.93 5.33 -27.79
N SER A 250 5.84 4.38 -27.56
CA SER A 250 6.31 3.52 -28.64
C SER A 250 5.23 2.53 -29.11
N GLN A 251 4.11 2.41 -28.37
CA GLN A 251 2.98 1.60 -28.82
C GLN A 251 2.29 2.23 -30.02
N ILE A 252 2.47 3.54 -30.18
CA ILE A 252 1.70 4.35 -31.12
C ILE A 252 2.59 4.92 -32.20
N PHE A 253 3.73 5.49 -31.81
CA PHE A 253 4.59 6.23 -32.71
C PHE A 253 5.86 5.44 -33.02
N THR A 254 6.46 5.71 -34.18
CA THR A 254 7.69 5.04 -34.58
C THR A 254 8.86 5.52 -33.75
N GLU A 255 9.92 4.70 -33.71
CA GLU A 255 11.17 5.11 -33.08
C GLU A 255 11.75 6.36 -33.74
N GLU A 256 11.67 6.45 -35.07
CA GLU A 256 12.22 7.62 -35.76
C GLU A 256 11.48 8.88 -35.35
N PHE A 257 10.14 8.82 -35.30
CA PHE A 257 9.35 9.98 -34.90
C PHE A 257 9.69 10.40 -33.48
N LEU A 258 9.74 9.43 -32.56
CA LEU A 258 10.04 9.74 -31.17
C LEU A 258 11.48 10.20 -30.99
N ALA A 259 12.41 9.66 -31.79
CA ALA A 259 13.79 10.15 -31.73
C ALA A 259 13.86 11.62 -32.13
N LYS A 260 13.11 12.04 -33.16
CA LYS A 260 13.08 13.45 -33.52
C LYS A 260 12.50 14.30 -32.39
N LEU A 261 11.47 13.80 -31.72
CA LEU A 261 10.91 14.51 -30.57
C LEU A 261 11.93 14.61 -29.44
N GLU A 262 12.62 13.50 -29.14
CA GLU A 262 13.66 13.54 -28.12
C GLU A 262 14.73 14.56 -28.45
N ASN A 263 15.01 14.78 -29.73
CA ASN A 263 16.02 15.74 -30.15
C ASN A 263 15.47 17.15 -30.31
N GLY A 264 14.25 17.41 -29.86
CA GLY A 264 13.73 18.76 -29.90
C GLY A 264 13.36 19.24 -31.28
N GLU A 265 13.17 18.33 -32.23
CA GLU A 265 12.84 18.68 -33.61
C GLU A 265 11.36 18.89 -33.83
N TYR A 266 10.54 18.60 -32.81
CA TYR A 266 9.11 18.82 -32.84
C TYR A 266 8.67 19.55 -31.58
N LYS A 267 7.62 20.34 -31.72
CA LYS A 267 7.02 21.12 -30.64
C LYS A 267 5.59 21.41 -31.06
N TRP A 268 4.65 21.30 -30.14
CA TRP A 268 3.26 21.60 -30.44
C TRP A 268 2.69 22.52 -29.37
N TYR A 269 2.09 23.62 -29.81
CA TYR A 269 1.36 24.49 -28.91
C TYR A 269 -0.12 24.23 -29.06
N ASN A 270 -0.87 24.56 -28.01
CA ASN A 270 -2.32 24.36 -28.01
C ASN A 270 -2.96 25.47 -28.84
N THR A 271 -2.68 25.45 -30.15
CA THR A 271 -3.23 26.42 -31.11
C THR A 271 -3.85 25.69 -32.29
N THR A 272 -4.50 26.46 -33.17
CA THR A 272 -5.25 25.86 -34.28
C THR A 272 -4.36 24.98 -35.15
N ASP A 273 -3.09 25.35 -35.32
CA ASP A 273 -2.18 24.58 -36.17
C ASP A 273 -0.97 24.07 -35.40
N GLY A 274 -1.05 24.05 -34.07
CA GLY A 274 0.03 23.55 -33.24
C GLY A 274 1.24 24.44 -33.18
N THR A 275 1.22 25.56 -33.89
CA THR A 275 2.38 26.43 -33.95
C THR A 275 2.16 27.66 -33.06
N LYS A 276 3.24 28.42 -32.88
CA LYS A 276 3.20 29.57 -32.00
C LYS A 276 2.28 30.67 -32.53
N LYS A 277 2.18 30.85 -33.85
CA LYS A 277 1.29 31.85 -34.43
C LYS A 277 -0.14 31.37 -34.63
N GLY A 278 -0.46 30.12 -34.31
CA GLY A 278 -1.82 29.66 -34.47
C GLY A 278 -2.79 30.38 -33.55
N GLY A 279 -4.07 30.29 -33.89
CA GLY A 279 -5.10 30.90 -33.06
C GLY A 279 -5.51 30.03 -31.86
N LYS A 280 -6.31 30.64 -30.98
CA LYS A 280 -6.96 29.88 -29.92
C LYS A 280 -7.87 28.85 -30.58
N ASN A 281 -7.64 27.56 -30.33
CA ASN A 281 -8.51 26.54 -30.90
C ASN A 281 -9.43 25.98 -29.84
N CYS A 282 -10.71 25.94 -30.16
CA CYS A 282 -11.72 25.39 -29.30
C CYS A 282 -12.11 24.01 -29.81
N ALA A 283 -12.65 23.20 -28.92
CA ALA A 283 -12.93 21.82 -29.28
C ALA A 283 -13.95 21.78 -30.43
N PRO A 284 -13.80 20.88 -31.40
CA PRO A 284 -14.74 20.86 -32.53
C PRO A 284 -16.17 20.74 -32.06
N GLY A 285 -17.03 21.64 -32.57
CA GLY A 285 -18.44 21.59 -32.26
C GLY A 285 -18.83 22.15 -30.91
N ALA A 286 -17.91 22.84 -30.22
CA ALA A 286 -18.23 23.46 -28.94
C ALA A 286 -18.62 24.93 -29.15
N ASP A 287 -19.56 25.41 -28.34
CA ASP A 287 -19.92 26.82 -28.29
C ASP A 287 -19.09 27.46 -27.18
N ALA A 288 -18.09 28.26 -27.56
CA ALA A 288 -17.19 28.83 -26.57
C ALA A 288 -17.92 29.75 -25.59
N SER A 289 -19.04 30.36 -26.00
CA SER A 289 -19.80 31.17 -25.04
C SER A 289 -20.53 30.29 -24.02
N LYS A 290 -21.03 29.13 -24.43
CA LYS A 290 -21.68 28.21 -23.49
C LYS A 290 -20.64 27.45 -22.65
N ASP A 291 -19.51 27.10 -23.24
CA ASP A 291 -18.50 26.25 -22.60
C ASP A 291 -17.12 26.85 -22.86
N PRO A 292 -16.75 27.92 -22.15
CA PRO A 292 -15.45 28.56 -22.43
C PRO A 292 -14.27 27.63 -22.16
N ASP A 293 -14.42 26.67 -21.24
CA ASP A 293 -13.36 25.70 -21.03
C ASP A 293 -13.15 24.79 -22.23
N ALA A 294 -14.05 24.82 -23.21
CA ALA A 294 -13.80 24.07 -24.45
C ALA A 294 -12.72 24.72 -25.31
N CYS A 295 -12.20 25.87 -24.91
CA CYS A 295 -11.11 26.53 -25.62
C CYS A 295 -9.85 26.39 -24.79
N GLY A 296 -8.75 26.09 -25.46
CA GLY A 296 -7.52 25.79 -24.78
C GLY A 296 -6.67 27.02 -24.52
N GLU A 297 -5.92 26.93 -23.43
CA GLU A 297 -4.86 27.88 -23.15
C GLU A 297 -3.72 27.68 -24.16
N VAL A 298 -3.46 28.72 -24.98
CA VAL A 298 -2.53 28.58 -26.10
C VAL A 298 -1.09 28.36 -25.64
N SER A 299 -0.82 28.66 -24.37
CA SER A 299 0.50 28.54 -23.78
C SER A 299 0.88 27.10 -23.46
N LYS A 300 -0.06 26.18 -23.45
CA LYS A 300 0.22 24.78 -23.18
C LYS A 300 0.83 24.08 -24.40
N LYS A 301 1.67 23.09 -24.15
CA LYS A 301 2.56 22.64 -25.21
C LYS A 301 3.04 21.22 -24.90
N ILE A 302 3.40 20.51 -25.98
CA ILE A 302 4.13 19.25 -25.93
C ILE A 302 5.50 19.52 -26.52
N LYS A 303 6.55 19.37 -25.68
CA LYS A 303 7.93 19.63 -26.02
C LYS A 303 8.76 18.36 -25.94
N SER A 304 8.19 17.27 -25.41
CA SER A 304 8.99 16.14 -25.02
C SER A 304 8.11 14.90 -25.02
N GLU A 305 8.75 13.73 -24.95
CA GLU A 305 8.00 12.51 -24.74
C GLU A 305 7.27 12.57 -23.41
N TYR A 306 7.93 13.14 -22.38
CA TYR A 306 7.30 13.33 -21.07
C TYR A 306 5.97 14.07 -21.18
N ASP A 307 5.97 15.23 -21.83
CA ASP A 307 4.72 15.95 -22.03
C ASP A 307 3.66 15.06 -22.68
N ALA A 308 4.02 14.44 -23.81
CA ALA A 308 3.03 13.67 -24.56
C ALA A 308 2.53 12.48 -23.76
N ALA A 309 3.43 11.77 -23.08
CA ALA A 309 3.01 10.60 -22.32
C ALA A 309 2.13 10.99 -21.14
N MET A 310 2.46 12.10 -20.47
CA MET A 310 1.63 12.54 -19.36
C MET A 310 0.26 13.01 -19.85
N ASP A 311 0.23 13.63 -21.03
CA ASP A 311 -1.06 13.98 -21.63
C ASP A 311 -1.89 12.74 -21.92
N LEU A 312 -1.27 11.69 -22.47
CA LEU A 312 -2.00 10.45 -22.75
C LEU A 312 -2.47 9.77 -21.47
N TYR A 313 -1.60 9.74 -20.45
CA TYR A 313 -2.01 9.19 -19.16
C TYR A 313 -3.20 9.94 -18.57
N ASN A 314 -3.23 11.27 -18.70
CA ASN A 314 -4.36 12.05 -18.21
C ASN A 314 -5.65 11.68 -18.92
N LEU A 315 -5.58 11.31 -20.22
CA LEU A 315 -6.80 10.89 -20.91
C LEU A 315 -7.28 9.53 -20.43
N TYR A 316 -6.33 8.63 -20.17
CA TYR A 316 -6.64 7.31 -19.63
C TYR A 316 -7.37 7.42 -18.29
N ILE A 317 -6.87 8.27 -17.38
CA ILE A 317 -7.47 8.30 -16.05
C ILE A 317 -8.82 9.02 -16.08
N ILE A 318 -8.94 10.08 -16.89
CA ILE A 318 -10.24 10.71 -17.02
C ILE A 318 -11.22 9.80 -17.78
N ALA A 319 -10.71 8.97 -18.69
CA ALA A 319 -11.62 8.06 -19.37
C ALA A 319 -12.31 7.16 -18.35
N ALA A 320 -11.62 6.81 -17.27
CA ALA A 320 -12.25 5.99 -16.23
C ALA A 320 -13.38 6.77 -15.55
N ASP A 321 -13.17 8.07 -15.30
CA ASP A 321 -14.22 8.92 -14.74
C ASP A 321 -15.42 9.06 -15.69
N MET A 322 -15.20 8.96 -17.01
CA MET A 322 -16.24 9.10 -18.02
C MET A 322 -16.81 7.76 -18.45
N HIS A 323 -16.74 6.77 -17.57
CA HIS A 323 -17.20 5.44 -17.92
C HIS A 323 -18.64 5.45 -18.43
N ASN A 324 -19.53 6.17 -17.74
CA ASN A 324 -20.94 6.11 -18.12
C ASN A 324 -21.18 6.76 -19.48
N GLU A 325 -20.36 7.74 -19.86
CA GLU A 325 -20.44 8.38 -21.16
C GLU A 325 -19.79 7.58 -22.28
N ASN A 326 -19.05 6.52 -21.94
CA ASN A 326 -18.24 5.79 -22.92
C ASN A 326 -19.06 4.71 -23.61
N THR A 327 -20.09 5.17 -24.33
CA THR A 327 -21.00 4.33 -25.08
C THR A 327 -21.31 5.06 -26.38
N GLY A 328 -21.91 4.34 -27.32
CA GLY A 328 -22.33 4.95 -28.56
C GLY A 328 -21.28 4.80 -29.64
N ASP A 329 -21.31 5.71 -30.60
CA ASP A 329 -20.54 5.51 -31.82
C ASP A 329 -19.21 6.27 -31.83
N HIS A 330 -18.88 7.01 -30.78
CA HIS A 330 -17.56 7.64 -30.67
C HIS A 330 -16.98 7.35 -29.28
N THR A 331 -16.87 6.06 -28.96
CA THR A 331 -16.30 5.65 -27.71
C THR A 331 -14.78 5.84 -27.74
N PHE A 332 -14.15 5.55 -26.60
CA PHE A 332 -12.71 5.69 -26.46
C PHE A 332 -12.20 4.51 -25.65
N ALA A 333 -10.99 4.05 -25.97
CA ALA A 333 -10.41 2.85 -25.37
C ALA A 333 -8.94 3.12 -25.03
N PHE A 334 -8.72 4.12 -24.17
CA PHE A 334 -7.36 4.46 -23.75
C PHE A 334 -6.76 3.40 -22.83
N ASP A 335 -7.57 2.58 -22.19
CA ASP A 335 -7.01 1.55 -21.34
C ASP A 335 -6.14 0.58 -22.14
N GLN A 336 -6.37 0.50 -23.46
CA GLN A 336 -5.61 -0.42 -24.28
C GLN A 336 -4.13 -0.10 -24.27
N TYR A 337 -3.75 1.13 -23.92
CA TYR A 337 -2.37 1.56 -23.93
C TYR A 337 -1.68 1.34 -22.60
N PHE A 338 -2.39 0.82 -21.60
CA PHE A 338 -1.83 0.70 -20.27
C PHE A 338 -1.99 -0.72 -19.73
N GLN A 339 -1.90 -1.72 -20.60
CA GLN A 339 -2.05 -3.12 -20.27
C GLN A 339 -0.68 -3.73 -19.97
N GLY A 340 -0.70 -4.81 -19.20
CA GLY A 340 0.53 -5.55 -18.96
C GLY A 340 1.62 -4.64 -18.44
N ALA A 341 2.81 -4.75 -19.04
CA ALA A 341 3.97 -4.01 -18.55
C ALA A 341 3.80 -2.51 -18.70
N TYR A 342 2.88 -2.06 -19.55
CA TYR A 342 2.67 -0.62 -19.67
C TYR A 342 2.00 -0.06 -18.43
N ALA A 343 1.40 -0.90 -17.59
CA ALA A 343 0.88 -0.44 -16.31
C ALA A 343 2.01 0.03 -15.41
N ASP A 344 3.23 -0.49 -15.61
CA ASP A 344 4.40 0.02 -14.89
C ASP A 344 4.67 1.47 -15.28
N ASP A 345 4.45 1.81 -16.54
CA ASP A 345 4.56 3.20 -16.97
C ASP A 345 3.50 4.05 -16.27
N ALA A 346 2.26 3.56 -16.21
CA ALA A 346 1.19 4.28 -15.53
C ALA A 346 1.55 4.58 -14.08
N ARG A 347 2.21 3.65 -13.39
CA ARG A 347 2.60 3.92 -12.01
C ARG A 347 3.58 5.09 -11.93
N MET A 348 4.52 5.19 -12.89
CA MET A 348 5.45 6.33 -12.95
C MET A 348 4.70 7.64 -13.17
N PHE A 349 3.74 7.66 -14.09
CA PHE A 349 2.98 8.87 -14.35
C PHE A 349 2.12 9.24 -13.16
N ALA A 350 1.57 8.24 -12.46
CA ALA A 350 0.79 8.52 -11.27
C ALA A 350 1.67 9.18 -10.21
N TRP A 351 2.91 8.69 -10.05
CA TRP A 351 3.86 9.33 -9.14
C TRP A 351 4.11 10.78 -9.54
N ALA A 352 4.36 11.04 -10.84
CA ALA A 352 4.63 12.41 -11.26
C ALA A 352 3.45 13.32 -10.99
N LEU A 353 2.24 12.83 -11.27
CA LEU A 353 1.05 13.62 -11.02
C LEU A 353 0.82 13.80 -9.53
N ASP A 354 0.94 12.72 -8.76
CA ASP A 354 0.80 12.83 -7.29
C ASP A 354 1.82 13.79 -6.71
N ALA A 355 3.05 13.80 -7.24
CA ALA A 355 4.09 14.63 -6.64
C ALA A 355 3.71 16.10 -6.73
N GLU A 356 3.14 16.52 -7.85
CA GLU A 356 2.76 17.94 -7.97
C GLU A 356 1.73 18.30 -6.92
N ASP A 357 0.74 17.42 -6.73
CA ASP A 357 -0.28 17.69 -5.73
C ASP A 357 0.31 17.64 -4.33
N PHE A 358 1.13 16.63 -4.06
CA PHE A 358 1.72 16.48 -2.74
C PHE A 358 2.51 17.71 -2.32
N TYR A 359 3.31 18.25 -3.24
CA TYR A 359 4.18 19.36 -2.91
C TYR A 359 3.46 20.68 -2.84
N GLU A 360 2.37 20.83 -3.59
CA GLU A 360 1.65 22.10 -3.65
C GLU A 360 0.48 22.16 -2.69
N LYS A 361 -0.13 21.02 -2.35
CA LYS A 361 -1.33 21.05 -1.55
C LYS A 361 -1.36 20.03 -0.42
N GLY A 362 -0.36 19.14 -0.30
CA GLY A 362 -0.34 18.11 0.71
C GLY A 362 0.67 18.41 1.81
N PRO A 363 1.18 17.36 2.49
CA PRO A 363 2.23 17.62 3.50
C PRO A 363 3.42 18.41 2.94
N SER A 364 3.78 18.17 1.70
CA SER A 364 4.91 18.81 1.01
C SER A 364 6.16 18.60 1.86
N TYR A 365 7.09 19.53 1.83
CA TYR A 365 8.41 19.27 2.40
C TYR A 365 8.46 19.69 3.87
N ALA A 366 9.42 19.08 4.57
CA ALA A 366 9.57 19.29 6.01
C ALA A 366 10.05 20.70 6.32
N GLY A 367 9.55 21.25 7.42
CA GLY A 367 9.97 22.56 7.87
C GLY A 367 9.06 23.68 7.46
N GLN A 368 7.92 23.38 6.86
CA GLN A 368 6.94 24.39 6.51
C GLN A 368 5.55 23.81 6.76
N ASN A 369 4.58 24.70 7.01
CA ASN A 369 3.19 24.28 7.06
C ASN A 369 2.31 25.15 6.18
N GLU A 370 2.91 25.89 5.25
CA GLU A 370 2.13 26.77 4.41
C GLU A 370 1.22 25.99 3.46
N THR A 371 1.63 24.79 3.02
CA THR A 371 0.86 24.08 2.02
C THR A 371 -0.46 23.56 2.59
N TYR A 372 -0.53 23.30 3.89
CA TYR A 372 -1.75 22.75 4.44
C TYR A 372 -2.39 23.61 5.53
N SER A 373 -1.70 24.63 6.04
CA SER A 373 -2.33 25.51 7.01
C SER A 373 -3.52 26.26 6.42
N ILE A 374 -3.60 26.31 5.09
CA ILE A 374 -4.70 26.99 4.42
C ILE A 374 -6.05 26.35 4.71
N ALA A 375 -6.08 25.10 5.19
CA ALA A 375 -7.33 24.43 5.50
C ALA A 375 -7.84 24.76 6.89
N GLN A 376 -7.10 25.55 7.66
CA GLN A 376 -7.56 25.90 9.00
C GLN A 376 -8.97 26.47 9.04
N PRO A 377 -9.40 27.32 8.09
CA PRO A 377 -10.79 27.81 8.15
C PRO A 377 -11.82 26.69 8.09
N LEU A 378 -11.50 25.60 7.39
CA LEU A 378 -12.45 24.49 7.30
C LEU A 378 -12.42 23.67 8.58
N LEU A 379 -11.24 23.42 9.11
CA LEU A 379 -11.16 22.77 10.42
C LEU A 379 -11.87 23.63 11.47
N ASP A 380 -11.65 24.96 11.45
CA ASP A 380 -12.36 25.85 12.36
C ASP A 380 -13.87 25.64 12.22
N ASP A 381 -14.37 25.59 10.99
CA ASP A 381 -15.81 25.48 10.79
C ASP A 381 -16.33 24.12 11.21
N PHE A 382 -15.54 23.06 10.98
CA PHE A 382 -15.93 21.73 11.44
C PHE A 382 -16.19 21.72 12.95
N LEU A 383 -15.35 22.41 13.72
CA LEU A 383 -15.53 22.48 15.17
C LEU A 383 -16.60 23.50 15.53
N ASN A 384 -16.65 24.62 14.80
CA ASN A 384 -17.60 25.67 15.12
C ASN A 384 -19.04 25.22 14.91
N THR A 385 -19.31 24.41 13.88
CA THR A 385 -20.68 23.98 13.65
C THR A 385 -21.10 22.92 14.67
N ILE A 386 -20.16 22.12 15.18
CA ILE A 386 -20.47 21.28 16.32
C ILE A 386 -20.86 22.15 17.52
N ASP A 387 -20.03 23.14 17.83
CA ASP A 387 -20.32 24.02 18.97
C ASP A 387 -21.69 24.67 18.82
N ALA A 388 -22.02 25.12 17.60
CA ALA A 388 -23.33 25.75 17.40
C ALA A 388 -24.45 24.81 17.80
N ARG A 389 -24.31 23.53 17.49
CA ARG A 389 -25.34 22.55 17.81
C ARG A 389 -25.34 22.21 19.28
N VAL A 390 -24.17 21.94 19.86
CA VAL A 390 -24.14 21.55 21.27
C VAL A 390 -24.61 22.71 22.13
N ASN A 391 -24.41 23.94 21.66
CA ASN A 391 -24.84 25.11 22.42
C ASN A 391 -26.25 25.57 22.03
N GLY A 392 -27.10 24.67 21.55
CA GLY A 392 -28.51 24.95 21.44
C GLY A 392 -29.02 25.26 20.07
N GLY A 393 -28.20 25.14 19.02
CA GLY A 393 -28.68 25.36 17.68
C GLY A 393 -29.46 24.17 17.17
N SER A 394 -30.23 24.41 16.11
CA SER A 394 -31.11 23.36 15.57
C SER A 394 -30.58 22.72 14.29
N THR A 395 -29.41 23.11 13.82
CA THR A 395 -28.83 22.49 12.63
C THR A 395 -28.15 21.19 13.03
N VAL A 396 -28.76 20.07 12.60
CA VAL A 396 -28.26 18.75 12.96
C VAL A 396 -27.25 18.21 11.95
N ALA A 397 -27.08 18.86 10.81
CA ALA A 397 -26.10 18.38 9.86
C ALA A 397 -25.65 19.53 8.97
N THR A 398 -24.37 19.51 8.60
CA THR A 398 -23.81 20.42 7.62
C THR A 398 -23.09 19.58 6.59
N PHE A 399 -23.57 19.63 5.36
CA PHE A 399 -23.05 18.82 4.26
C PHE A 399 -22.38 19.75 3.25
N ARG A 400 -21.07 19.56 3.03
CA ARG A 400 -20.26 20.47 2.25
C ARG A 400 -19.66 19.78 1.04
N PHE A 401 -19.57 20.52 -0.07
CA PHE A 401 -19.11 19.98 -1.34
C PHE A 401 -18.07 20.91 -1.95
N ALA A 402 -16.93 20.35 -2.32
CA ALA A 402 -15.75 21.13 -2.66
C ALA A 402 -14.81 20.33 -3.56
N HIS A 403 -13.49 20.37 -3.27
CA HIS A 403 -12.46 20.08 -4.25
C HIS A 403 -11.31 19.28 -3.65
N ALA A 404 -10.47 18.70 -4.54
CA ALA A 404 -9.21 18.12 -4.10
C ALA A 404 -8.33 19.16 -3.42
N GLN A 405 -8.39 20.40 -3.89
CA GLN A 405 -7.60 21.47 -3.33
C GLN A 405 -8.10 21.88 -1.95
N THR A 406 -9.29 21.40 -1.58
CA THR A 406 -9.82 21.47 -0.22
C THR A 406 -9.38 20.25 0.59
N MET A 407 -9.53 19.04 0.02
CA MET A 407 -9.32 17.82 0.77
C MET A 407 -7.85 17.58 1.09
N MET A 408 -6.96 17.80 0.12
CA MET A 408 -5.54 17.51 0.37
C MET A 408 -4.98 18.31 1.54
N PRO A 409 -5.13 19.63 1.62
CA PRO A 409 -4.59 20.32 2.79
C PRO A 409 -5.32 19.98 4.08
N PHE A 410 -6.64 19.75 3.99
CA PHE A 410 -7.43 19.37 5.15
C PHE A 410 -6.90 18.06 5.75
N ALA A 411 -6.63 17.08 4.89
CA ALA A 411 -6.13 15.79 5.36
C ALA A 411 -4.74 15.93 5.97
N ALA A 412 -3.88 16.77 5.38
CA ALA A 412 -2.56 16.98 5.96
C ALA A 412 -2.65 17.74 7.28
N LEU A 413 -3.52 18.75 7.36
CA LEU A 413 -3.72 19.50 8.60
C LEU A 413 -4.21 18.60 9.73
N LEU A 414 -5.15 17.71 9.44
CA LEU A 414 -5.66 16.75 10.40
C LEU A 414 -4.71 15.57 10.64
N GLY A 415 -3.73 15.35 9.78
CA GLY A 415 -2.89 14.16 9.92
C GLY A 415 -3.65 12.87 9.65
N LEU A 416 -4.55 12.87 8.67
CA LEU A 416 -5.26 11.67 8.28
C LEU A 416 -4.30 10.62 7.71
N PRO A 417 -4.66 9.34 7.80
CA PRO A 417 -3.86 8.28 7.17
C PRO A 417 -3.58 8.60 5.71
N GLY A 418 -2.32 8.44 5.32
CA GLY A 418 -1.86 8.81 4.01
C GLY A 418 -1.20 10.18 3.96
N SER A 419 -1.55 11.08 4.87
CA SER A 419 -1.06 12.45 4.88
C SER A 419 -0.24 12.77 6.12
N THR A 420 0.50 11.80 6.66
CA THR A 420 1.28 12.03 7.88
C THR A 420 2.77 12.23 7.63
N GLN A 421 3.24 12.15 6.39
CA GLN A 421 4.68 12.18 6.10
C GLN A 421 5.05 13.33 5.18
N GLN A 422 5.81 14.30 5.70
CA GLN A 422 6.44 15.29 4.83
C GLN A 422 7.67 14.72 4.14
N ALA A 423 7.95 15.21 2.93
CA ALA A 423 9.17 14.86 2.21
C ALA A 423 10.39 15.55 2.81
N PRO A 424 11.58 15.08 2.49
CA PRO A 424 12.79 15.76 2.98
C PRO A 424 12.84 17.20 2.49
N ALA A 425 13.48 18.05 3.28
CA ALA A 425 13.74 19.42 2.88
C ALA A 425 14.87 19.42 1.86
N SER A 426 14.55 19.00 0.63
CA SER A 426 15.56 18.70 -0.37
C SER A 426 14.94 18.79 -1.74
N THR A 427 15.71 19.29 -2.70
CA THR A 427 15.27 19.27 -4.09
C THR A 427 15.71 18.02 -4.84
N THR A 428 16.50 17.15 -4.22
CA THR A 428 16.93 15.91 -4.86
C THR A 428 16.47 14.67 -4.13
N ASP A 429 16.39 14.70 -2.80
CA ASP A 429 15.82 13.58 -2.05
C ASP A 429 14.31 13.85 -1.94
N VAL A 430 13.62 13.58 -3.03
CA VAL A 430 12.24 14.01 -3.20
C VAL A 430 11.23 12.96 -2.76
N TYR A 431 9.97 13.41 -2.62
CA TYR A 431 8.82 12.53 -2.49
C TYR A 431 8.85 11.42 -3.55
N THR A 432 8.77 10.18 -3.08
CA THR A 432 8.60 9.02 -3.96
C THR A 432 7.61 8.07 -3.32
N TYR A 433 7.14 7.14 -4.15
CA TYR A 433 6.29 6.06 -3.65
C TYR A 433 7.04 5.17 -2.69
N GLY A 434 8.39 5.12 -2.76
CA GLY A 434 9.15 4.31 -1.81
C GLY A 434 9.33 4.93 -0.43
N ASN A 435 9.26 6.26 -0.33
CA ASN A 435 9.55 6.95 0.92
C ASN A 435 8.36 7.71 1.50
N ASN A 436 7.15 7.48 0.98
CA ASN A 436 5.99 8.21 1.45
C ASN A 436 4.73 7.41 1.18
N GLU A 437 3.81 7.46 2.13
CA GLU A 437 2.51 6.80 2.01
C GLU A 437 1.50 7.58 1.16
N TRP A 438 1.74 8.86 0.90
CA TRP A 438 0.77 9.68 0.16
C TRP A 438 0.50 9.14 -1.25
N ARG A 439 -0.79 8.95 -1.57
CA ARG A 439 -1.24 8.60 -2.90
C ARG A 439 -2.52 9.37 -3.21
N GLY A 440 -2.59 9.93 -4.41
CA GLY A 440 -3.83 10.60 -4.80
C GLY A 440 -5.03 9.68 -4.75
N GLU A 441 -4.85 8.42 -5.13
CA GLU A 441 -5.96 7.50 -5.26
C GLU A 441 -6.63 7.23 -3.92
N SER A 442 -5.90 7.39 -2.81
CA SER A 442 -6.44 7.09 -1.50
C SER A 442 -6.62 8.31 -0.63
N VAL A 443 -5.75 9.32 -0.74
CA VAL A 443 -5.94 10.57 -0.01
C VAL A 443 -7.13 11.34 -0.56
N THR A 444 -7.23 11.40 -1.87
CA THR A 444 -8.22 12.26 -2.50
C THR A 444 -8.73 11.67 -3.82
N PRO A 445 -9.36 10.50 -3.77
CA PRO A 445 -10.08 10.02 -4.96
C PRO A 445 -11.19 10.98 -5.32
N MET A 446 -11.82 10.71 -6.45
CA MET A 446 -13.05 11.41 -6.76
C MET A 446 -14.08 11.09 -5.67
N ALA A 447 -14.83 12.11 -5.26
CA ALA A 447 -15.81 12.05 -4.19
C ALA A 447 -15.18 11.73 -2.82
N ALA A 448 -13.86 11.89 -2.66
CA ALA A 448 -13.26 11.75 -1.33
C ALA A 448 -14.04 12.56 -0.30
N ASN A 449 -14.24 11.99 0.88
CA ASN A 449 -15.03 12.74 1.87
C ASN A 449 -14.60 12.39 3.29
N VAL A 450 -14.74 13.38 4.14
CA VAL A 450 -14.53 13.27 5.57
C VAL A 450 -15.88 13.53 6.21
N GLN A 451 -16.32 12.60 7.08
CA GLN A 451 -17.55 12.77 7.84
C GLN A 451 -17.24 12.57 9.33
N TRP A 452 -17.85 13.43 10.15
CA TRP A 452 -17.78 13.35 11.60
C TRP A 452 -19.19 13.17 12.16
N ASP A 453 -19.33 12.20 13.07
CA ASP A 453 -20.55 11.99 13.81
C ASP A 453 -20.32 12.43 15.24
N VAL A 454 -21.30 13.12 15.81
CA VAL A 454 -21.20 13.68 17.15
C VAL A 454 -22.34 13.14 18.00
N TYR A 455 -21.99 12.50 19.12
CA TYR A 455 -22.97 11.94 20.04
C TYR A 455 -22.83 12.63 21.39
N ALA A 456 -23.87 12.53 22.20
CA ALA A 456 -23.80 13.10 23.53
C ALA A 456 -24.64 12.29 24.50
N ARG A 457 -24.31 12.44 25.77
CA ARG A 457 -25.02 11.80 26.86
C ARG A 457 -25.83 12.85 27.61
N LYS A 458 -27.09 12.54 27.89
CA LYS A 458 -27.93 13.48 28.62
C LYS A 458 -27.56 13.50 30.10
N GLY A 459 -27.79 14.63 30.73
CA GLY A 459 -27.72 14.76 32.17
C GLY A 459 -26.61 15.70 32.61
N GLU A 460 -26.42 15.73 33.94
CA GLU A 460 -25.30 16.41 34.60
C GLU A 460 -24.29 15.36 35.04
N ASP A 461 -23.06 15.48 34.54
CA ASP A 461 -21.90 14.71 34.93
C ASP A 461 -21.55 14.97 36.40
N PRO A 462 -21.84 14.05 37.32
CA PRO A 462 -21.62 14.36 38.74
C PRO A 462 -20.17 14.59 39.12
N ALA A 463 -19.21 14.35 38.22
CA ALA A 463 -17.80 14.66 38.49
C ALA A 463 -17.40 16.04 37.98
N THR A 464 -18.31 16.78 37.36
CA THR A 464 -18.10 18.19 37.05
C THR A 464 -19.33 18.96 37.50
N GLY A 465 -19.39 20.25 37.16
CA GLY A 465 -20.57 21.02 37.49
C GLY A 465 -21.65 21.04 36.44
N GLN A 466 -21.36 20.55 35.23
CA GLN A 466 -22.19 20.87 34.08
C GLN A 466 -22.73 19.62 33.37
N ARG A 467 -22.41 19.48 32.09
CA ARG A 467 -22.93 18.43 31.23
C ARG A 467 -21.81 17.48 30.83
N TYR A 468 -22.19 16.33 30.29
CA TYR A 468 -21.19 15.44 29.70
C TYR A 468 -20.65 16.04 28.41
N THR A 469 -19.37 15.78 28.16
CA THR A 469 -18.72 16.31 26.98
C THR A 469 -19.19 15.54 25.74
N PRO A 470 -19.56 16.20 24.65
CA PRO A 470 -19.91 15.46 23.42
C PRO A 470 -18.71 14.69 22.90
N ILE A 471 -18.97 13.64 22.12
CA ILE A 471 -17.93 12.77 21.58
C ILE A 471 -18.11 12.66 20.07
N VAL A 472 -17.01 12.33 19.39
CA VAL A 472 -16.87 12.49 17.94
C VAL A 472 -16.15 11.26 17.38
N ARG A 473 -16.61 10.82 16.20
CA ARG A 473 -16.09 9.68 15.47
C ARG A 473 -15.96 10.09 14.00
N MET A 474 -14.85 9.70 13.34
CA MET A 474 -14.60 10.09 11.95
C MET A 474 -14.67 8.91 10.98
N LEU A 475 -15.27 9.15 9.82
CA LEU A 475 -15.13 8.30 8.65
C LEU A 475 -14.38 9.06 7.56
N TYR A 476 -13.46 8.38 6.91
CA TYR A 476 -12.69 8.91 5.81
C TYR A 476 -12.91 7.99 4.62
N ASN A 477 -13.48 8.53 3.52
CA ASN A 477 -13.95 7.72 2.40
C ASN A 477 -14.77 6.55 2.90
N GLU A 478 -15.56 6.84 3.93
CA GLU A 478 -16.54 5.95 4.51
C GLU A 478 -15.90 4.74 5.20
N ASN A 479 -14.63 4.86 5.52
CA ASN A 479 -13.93 3.96 6.41
C ASN A 479 -13.80 4.63 7.77
N GLU A 480 -14.21 3.94 8.82
CA GLU A 480 -14.04 4.48 10.15
C GLU A 480 -12.56 4.48 10.51
N VAL A 481 -12.05 5.63 10.94
CA VAL A 481 -10.61 5.78 11.25
C VAL A 481 -10.41 6.46 12.59
N PRO A 482 -9.33 6.16 13.29
CA PRO A 482 -8.97 6.99 14.45
C PRO A 482 -8.59 8.38 14.00
N PHE A 483 -8.63 9.32 14.93
CA PHE A 483 -7.97 10.59 14.77
C PHE A 483 -6.47 10.41 14.97
N ARG A 484 -5.71 11.46 14.67
CA ARG A 484 -4.25 11.38 14.71
C ARG A 484 -3.75 10.84 16.05
N SER A 485 -2.53 10.30 16.04
CA SER A 485 -2.06 9.49 17.15
C SER A 485 -1.93 10.30 18.45
N GLU A 486 -1.70 11.62 18.37
CA GLU A 486 -1.58 12.42 19.59
C GLU A 486 -2.90 12.49 20.34
N CYS A 487 -4.01 12.18 19.68
CA CYS A 487 -5.33 12.28 20.29
C CYS A 487 -5.61 11.05 21.13
N THR A 488 -6.24 11.25 22.30
CA THR A 488 -6.59 10.16 23.20
C THR A 488 -8.08 9.87 23.08
N PRO A 489 -8.49 8.65 22.74
CA PRO A 489 -9.94 8.37 22.65
C PRO A 489 -10.58 8.27 24.03
N VAL A 490 -11.91 8.17 24.04
CA VAL A 490 -12.65 8.18 25.31
C VAL A 490 -12.43 6.92 26.14
N ALA A 491 -11.91 5.85 25.53
CA ALA A 491 -11.72 4.58 26.19
C ALA A 491 -10.78 3.72 25.36
N ASP A 492 -10.21 2.69 26.00
CA ASP A 492 -9.50 1.67 25.26
C ASP A 492 -10.39 1.11 24.16
N GLY A 493 -9.80 0.87 22.98
CA GLY A 493 -10.52 0.21 21.92
C GLY A 493 -11.53 1.07 21.22
N SER A 494 -11.47 2.37 21.39
CA SER A 494 -12.52 3.25 20.90
C SER A 494 -12.01 4.14 19.78
N THR A 495 -12.88 4.43 18.81
CA THR A 495 -12.67 5.49 17.85
C THR A 495 -13.44 6.77 18.18
N TRP A 496 -14.05 6.86 19.37
CA TRP A 496 -14.75 8.07 19.77
C TRP A 496 -13.82 8.95 20.60
N TYR A 497 -13.92 10.26 20.39
CA TYR A 497 -13.05 11.23 21.04
C TYR A 497 -13.87 12.38 21.61
N LYS A 498 -13.50 12.82 22.81
CA LYS A 498 -14.14 13.99 23.39
C LYS A 498 -13.90 15.21 22.51
N LEU A 499 -14.93 16.05 22.41
CA LEU A 499 -14.80 17.29 21.65
C LEU A 499 -13.72 18.19 22.25
N THR A 500 -13.63 18.21 23.58
CA THR A 500 -12.55 18.93 24.25
C THR A 500 -11.18 18.37 23.86
N GLU A 501 -11.07 17.04 23.75
CA GLU A 501 -9.80 16.44 23.35
C GLU A 501 -9.42 16.88 21.95
N LEU A 502 -10.39 16.87 21.03
CA LEU A 502 -10.09 17.25 19.65
C LEU A 502 -9.66 18.71 19.57
N LYS A 503 -10.35 19.61 20.27
CA LYS A 503 -9.94 21.01 20.26
C LYS A 503 -8.49 21.18 20.72
N SER A 504 -8.00 20.28 21.57
CA SER A 504 -6.62 20.35 22.02
C SER A 504 -5.67 19.59 21.08
N CYS A 505 -5.99 18.35 20.76
CA CYS A 505 -5.02 17.52 20.05
C CYS A 505 -4.94 17.85 18.57
N LEU A 506 -5.94 18.51 17.99
CA LEU A 506 -5.87 18.95 16.59
C LEU A 506 -5.29 20.35 16.41
N ALA A 507 -5.12 21.11 17.50
CA ALA A 507 -4.42 22.38 17.43
C ALA A 507 -2.92 22.15 17.18
N ALA A 508 -2.21 23.26 16.90
CA ALA A 508 -0.85 23.17 16.36
C ALA A 508 0.10 22.43 17.29
N ASP A 509 -0.07 22.61 18.60
CA ASP A 509 0.69 21.92 19.63
C ASP A 509 0.45 20.41 19.65
N HIS A 510 -0.74 19.98 19.27
CA HIS A 510 -1.16 18.57 19.34
C HIS A 510 -1.01 18.00 20.75
N LYS A 511 -1.40 18.77 21.76
CA LYS A 511 -1.36 18.26 23.12
C LYS A 511 -2.62 17.44 23.39
N THR A 512 -2.48 16.42 24.25
CA THR A 512 -3.62 15.63 24.65
C THR A 512 -4.02 15.99 26.07
N LEU A 513 -5.31 15.90 26.36
CA LEU A 513 -5.79 16.02 27.72
C LEU A 513 -5.49 14.80 28.57
N GLY A 514 -4.87 13.77 27.98
CA GLY A 514 -4.48 12.62 28.78
C GLY A 514 -5.69 11.98 29.44
N GLN A 515 -5.55 11.65 30.73
CA GLN A 515 -6.65 11.00 31.44
C GLN A 515 -7.96 11.78 31.36
N ASP A 516 -7.90 13.11 31.23
CA ASP A 516 -9.14 13.87 31.16
C ASP A 516 -9.86 13.71 29.82
N ALA A 517 -9.23 13.04 28.85
CA ALA A 517 -9.87 12.66 27.61
C ALA A 517 -10.75 11.41 27.76
N ARG A 518 -10.60 10.65 28.83
CA ARG A 518 -11.40 9.45 29.06
C ARG A 518 -12.78 9.79 29.62
N ILE A 519 -13.78 9.01 29.24
CA ILE A 519 -15.09 9.14 29.86
C ILE A 519 -15.13 8.25 31.09
N GLY B 11 -7.40 -5.83 6.68
CA GLY B 11 -7.28 -5.45 8.08
C GLY B 11 -6.52 -6.42 8.97
N ARG B 12 -5.70 -7.29 8.36
CA ARG B 12 -4.87 -8.26 9.07
C ARG B 12 -3.41 -7.91 8.87
N TYR B 13 -2.67 -7.83 9.97
CA TYR B 13 -1.30 -7.31 9.95
C TYR B 13 -0.36 -8.41 10.47
N TYR B 14 0.04 -9.30 9.58
CA TYR B 14 0.77 -10.49 10.01
C TYR B 14 2.28 -10.37 9.87
N SER B 15 2.79 -9.23 9.41
CA SER B 15 4.23 -9.05 9.20
C SER B 15 4.75 -10.21 8.34
N SER B 16 5.99 -10.62 8.56
CA SER B 16 6.57 -11.70 7.76
C SER B 16 6.05 -13.09 8.15
N LYS B 17 5.02 -13.17 8.98
CA LYS B 17 4.27 -14.41 9.12
C LYS B 17 3.10 -14.50 8.15
N GLN B 18 2.91 -13.49 7.29
CA GLN B 18 1.86 -13.47 6.29
C GLN B 18 1.79 -14.81 5.58
N PRO B 19 0.65 -15.50 5.60
CA PRO B 19 0.54 -16.70 4.74
C PRO B 19 0.68 -16.35 3.26
N TYR B 20 1.41 -17.21 2.54
CA TYR B 20 1.55 -17.06 1.10
C TYR B 20 0.19 -16.98 0.41
N VAL B 21 0.04 -16.04 -0.51
CA VAL B 21 -1.18 -15.89 -1.29
C VAL B 21 -0.89 -16.42 -2.69
N ALA B 22 -1.41 -17.60 -2.96
CA ALA B 22 -1.16 -18.26 -4.24
C ALA B 22 -1.91 -17.55 -5.36
N PRO B 23 -1.38 -17.56 -6.57
CA PRO B 23 -2.06 -16.88 -7.67
C PRO B 23 -3.37 -17.57 -7.97
N ASN B 24 -4.36 -16.77 -8.39
CA ASN B 24 -5.60 -17.32 -8.90
C ASN B 24 -5.42 -17.69 -10.36
N ASP B 25 -6.48 -18.22 -10.97
CA ASP B 25 -6.39 -18.68 -12.35
C ASP B 25 -6.09 -17.51 -13.30
N ALA B 26 -6.50 -16.29 -12.94
CA ALA B 26 -6.20 -15.14 -13.79
C ALA B 26 -4.71 -14.85 -13.87
N THR B 27 -4.03 -14.80 -12.71
CA THR B 27 -2.59 -14.54 -12.71
C THR B 27 -1.85 -15.64 -13.45
N ALA B 28 -2.09 -16.90 -13.08
CA ALA B 28 -1.23 -17.99 -13.51
C ALA B 28 -1.43 -18.36 -14.97
N SER B 29 -2.52 -17.91 -15.58
CA SER B 29 -2.67 -18.11 -17.03
C SER B 29 -2.05 -16.97 -17.82
N SER B 30 -1.95 -15.79 -17.24
CA SER B 30 -1.68 -14.57 -18.01
C SER B 30 -0.22 -14.13 -17.95
N TYR B 31 0.72 -15.05 -17.68
CA TYR B 31 2.11 -14.66 -17.76
C TYR B 31 2.47 -14.38 -19.21
N SER B 32 3.31 -13.39 -19.42
CA SER B 32 3.61 -12.94 -20.76
C SER B 32 4.29 -14.04 -21.58
N LYS B 33 4.00 -14.04 -22.88
CA LYS B 33 4.69 -14.91 -23.81
C LYS B 33 6.01 -14.26 -24.22
N ALA B 34 7.01 -15.11 -24.45
CA ALA B 34 8.30 -14.66 -24.95
C ALA B 34 8.20 -14.25 -26.41
N PRO B 35 9.11 -13.40 -26.87
CA PRO B 35 9.07 -12.99 -28.28
C PRO B 35 9.14 -14.17 -29.23
N LYS B 36 8.56 -13.98 -30.41
CA LYS B 36 8.56 -15.00 -31.45
C LYS B 36 9.97 -15.53 -31.68
N GLY B 37 10.07 -16.84 -31.82
CA GLY B 37 11.35 -17.48 -32.05
C GLY B 37 12.05 -17.95 -30.80
N TYR B 38 11.60 -17.54 -29.62
CA TYR B 38 12.28 -17.91 -28.38
C TYR B 38 11.54 -19.05 -27.70
N GLY B 39 12.31 -20.02 -27.20
CA GLY B 39 11.75 -21.13 -26.49
C GLY B 39 12.49 -21.33 -25.17
N PRO B 40 11.88 -22.05 -24.24
CA PRO B 40 12.48 -22.17 -22.90
C PRO B 40 13.72 -23.05 -22.89
N ILE B 41 14.70 -22.66 -22.06
CA ILE B 41 15.88 -23.48 -21.85
C ILE B 41 16.20 -23.72 -20.38
N TYR B 42 15.64 -22.95 -19.43
CA TYR B 42 16.05 -23.00 -18.04
C TYR B 42 15.04 -22.26 -17.19
N THR B 43 14.87 -22.72 -15.97
CA THR B 43 14.14 -21.96 -14.95
C THR B 43 14.80 -22.21 -13.60
N GLU B 44 14.56 -21.30 -12.66
CA GLU B 44 15.14 -21.48 -11.35
C GLU B 44 14.35 -20.68 -10.32
N SER B 45 14.61 -20.99 -9.05
CA SER B 45 13.85 -20.43 -7.95
C SER B 45 14.71 -20.32 -6.69
N MET B 46 14.32 -19.39 -5.83
CA MET B 46 14.64 -19.49 -4.42
C MET B 46 13.38 -19.14 -3.66
N ALA B 47 13.00 -20.03 -2.77
CA ALA B 47 11.82 -19.86 -1.92
C ALA B 47 12.18 -20.03 -0.46
N ARG B 48 11.61 -19.16 0.36
CA ARG B 48 11.58 -19.31 1.80
C ARG B 48 10.74 -20.53 2.18
N NEP B 49 11.09 -21.15 3.31
CA NEP B 49 10.32 -22.22 3.88
C NEP B 49 8.87 -21.71 4.07
O NEP B 49 8.58 -20.51 4.14
CB NEP B 49 10.90 -22.68 5.24
CG NEP B 49 10.87 -21.71 6.38
ND1 NEP B 49 9.67 -21.32 7.01
CD2 NEP B 49 11.92 -21.05 7.08
CE1 NEP B 49 10.00 -20.47 7.99
NE2 NEP B 49 11.37 -20.21 8.10
P NEP B 49 12.19 -19.30 9.17
O1P NEP B 49 11.07 -18.90 10.26
O2P NEP B 49 12.97 -18.12 8.74
O3P NEP B 49 12.98 -20.50 9.86
N GLY B 50 7.95 -22.67 4.15
CA GLY B 50 6.53 -22.38 4.34
C GLY B 50 6.21 -22.13 5.82
N SER B 51 4.94 -21.87 6.09
CA SER B 51 4.46 -21.64 7.45
C SER B 51 4.90 -22.73 8.40
N ARG B 52 5.25 -22.31 9.62
CA ARG B 52 5.63 -23.19 10.72
C ARG B 52 4.92 -22.79 12.02
N GLY B 53 4.92 -23.71 12.98
CA GLY B 53 4.26 -23.49 14.25
C GLY B 53 5.09 -22.63 15.18
N LEU B 54 4.64 -22.56 16.44
CA LEU B 54 5.43 -21.88 17.47
C LEU B 54 6.79 -22.54 17.58
N SER B 55 7.82 -21.73 17.82
CA SER B 55 9.17 -22.28 17.91
CA SER B 55 9.19 -22.25 17.94
C SER B 55 9.39 -23.08 19.20
N SER B 56 8.70 -22.72 20.28
CA SER B 56 8.79 -23.45 21.54
C SER B 56 7.58 -23.09 22.38
N TYR B 57 7.42 -23.81 23.47
CA TYR B 57 6.42 -23.52 24.48
C TYR B 57 6.93 -22.30 25.25
N LYS B 58 6.48 -21.12 24.82
CA LYS B 58 7.08 -19.86 25.25
C LYS B 58 6.02 -18.76 25.30
N TYR B 59 5.61 -18.23 24.15
CA TYR B 59 4.55 -17.22 24.15
C TYR B 59 3.24 -17.78 24.68
N ASP B 60 2.91 -19.00 24.27
CA ASP B 60 1.70 -19.63 24.75
C ASP B 60 1.85 -20.03 26.23
N ALA B 61 3.04 -20.48 26.61
CA ALA B 61 3.29 -20.83 28.01
C ALA B 61 3.14 -19.62 28.92
N LEU B 62 3.82 -18.52 28.57
CA LEU B 62 3.86 -17.36 29.44
C LEU B 62 2.48 -16.72 29.62
N LEU B 63 1.71 -16.60 28.52
CA LEU B 63 0.38 -16.04 28.63
C LEU B 63 -0.54 -16.94 29.45
N MET B 64 -0.30 -18.25 29.46
CA MET B 64 -1.11 -19.11 30.32
C MET B 64 -0.73 -18.93 31.79
N ARG B 65 0.57 -18.76 32.08
CA ARG B 65 0.96 -18.42 33.45
C ARG B 65 0.33 -17.10 33.88
N MET B 66 0.29 -16.13 32.98
CA MET B 66 -0.41 -14.87 33.26
C MET B 66 -1.90 -15.10 33.48
N ALA B 67 -2.51 -15.95 32.66
CA ALA B 67 -3.92 -16.27 32.81
C ALA B 67 -4.20 -16.92 34.16
N GLU B 68 -3.33 -17.82 34.61
CA GLU B 68 -3.56 -18.46 35.89
C GLU B 68 -3.54 -17.44 37.05
N THR B 69 -2.61 -16.49 37.01
CA THR B 69 -2.59 -15.45 38.02
C THR B 69 -3.83 -14.57 37.95
N ALA B 70 -4.20 -14.15 36.73
CA ALA B 70 -5.41 -13.35 36.58
C ALA B 70 -6.64 -14.09 37.09
N ALA B 71 -6.73 -15.40 36.86
CA ALA B 71 -7.84 -16.15 37.41
C ALA B 71 -7.79 -16.16 38.93
N ARG B 72 -6.61 -16.33 39.51
CA ARG B 72 -6.49 -16.35 40.96
C ARG B 72 -6.86 -15.00 41.56
N ASP B 73 -6.45 -13.91 40.91
CA ASP B 73 -6.58 -12.58 41.49
C ASP B 73 -7.81 -11.81 41.01
N GLY B 74 -8.69 -12.45 40.23
CA GLY B 74 -9.84 -11.73 39.70
C GLY B 74 -9.47 -10.63 38.72
N GLY B 75 -8.44 -10.87 37.90
CA GLY B 75 -7.90 -9.94 36.94
C GLY B 75 -8.48 -9.98 35.52
N PHE B 76 -9.44 -10.86 35.21
CA PHE B 76 -10.11 -10.83 33.90
C PHE B 76 -11.35 -9.94 33.98
N LYS B 77 -11.72 -9.36 32.84
CA LYS B 77 -12.89 -8.47 32.86
C LYS B 77 -14.18 -9.24 33.06
N SER B 78 -14.22 -10.51 32.71
CA SER B 78 -15.44 -11.29 32.94
C SER B 78 -15.08 -12.76 32.90
N GLU B 79 -16.00 -13.59 33.42
CA GLU B 79 -15.80 -15.02 33.37
C GLU B 79 -15.80 -15.53 31.93
N ALA B 80 -16.69 -15.02 31.09
CA ALA B 80 -16.67 -15.45 29.69
C ALA B 80 -15.35 -15.07 29.03
N ILE B 81 -14.81 -13.89 29.34
CA ILE B 81 -13.55 -13.47 28.75
C ILE B 81 -12.40 -14.34 29.24
N LYS B 82 -12.43 -14.70 30.52
CA LYS B 82 -11.44 -15.60 31.09
C LYS B 82 -11.45 -16.94 30.37
N ALA B 83 -12.63 -17.54 30.24
CA ALA B 83 -12.74 -18.85 29.60
C ALA B 83 -12.26 -18.80 28.15
N GLU B 84 -12.65 -17.74 27.42
CA GLU B 84 -12.26 -17.64 26.01
C GLU B 84 -10.74 -17.52 25.88
N PHE B 85 -10.11 -16.75 26.76
CA PHE B 85 -8.66 -16.54 26.66
C PHE B 85 -7.92 -17.84 26.91
N VAL B 86 -8.33 -18.55 27.97
CA VAL B 86 -7.69 -19.80 28.33
C VAL B 86 -7.93 -20.85 27.26
N LYS B 87 -9.14 -20.88 26.70
CA LYS B 87 -9.43 -21.80 25.60
C LYS B 87 -8.52 -21.52 24.41
N ASN B 88 -8.31 -20.27 24.06
CA ASN B 88 -7.48 -19.96 22.90
C ASN B 88 -6.04 -20.41 23.13
N LEU B 89 -5.50 -20.13 24.31
CA LEU B 89 -4.14 -20.56 24.64
C LEU B 89 -4.04 -22.09 24.61
N SER B 90 -4.98 -22.76 25.26
CA SER B 90 -4.98 -24.22 25.28
C SER B 90 -5.00 -24.78 23.86
N GLY B 91 -5.82 -24.17 22.99
CA GLY B 91 -5.97 -24.70 21.65
C GLY B 91 -4.68 -24.63 20.86
N ILE B 92 -4.01 -23.47 20.87
CA ILE B 92 -2.83 -23.34 20.04
C ILE B 92 -1.69 -24.15 20.63
N THR B 93 -1.62 -24.28 21.96
CA THR B 93 -0.63 -25.16 22.56
C THR B 93 -0.86 -26.61 22.10
N ALA B 94 -2.11 -27.07 22.16
CA ALA B 94 -2.41 -28.45 21.80
C ALA B 94 -2.12 -28.70 20.34
N ALA B 95 -2.32 -27.69 19.49
CA ALA B 95 -2.04 -27.84 18.07
C ALA B 95 -0.54 -28.00 17.83
N ASN B 96 0.26 -27.24 18.57
CA ASN B 96 1.71 -27.38 18.49
C ASN B 96 2.19 -28.68 19.10
N VAL B 97 1.57 -29.15 20.19
CA VAL B 97 2.00 -30.41 20.76
C VAL B 97 1.82 -31.53 19.73
N GLU B 98 0.69 -31.52 19.02
CA GLU B 98 0.38 -32.57 18.06
C GLU B 98 1.33 -32.51 16.86
N ASN B 99 1.56 -31.32 16.31
CA ASN B 99 2.44 -31.20 15.14
C ASN B 99 3.90 -31.33 15.50
N GLY B 100 4.26 -31.08 16.76
CA GLY B 100 5.64 -30.84 17.13
C GLY B 100 5.96 -29.35 17.05
N TYR B 101 6.50 -28.79 18.12
CA TYR B 101 6.87 -27.39 18.08
C TYR B 101 7.93 -27.15 17.02
N GLY B 102 7.81 -26.01 16.34
CA GLY B 102 8.73 -25.61 15.31
C GLY B 102 8.52 -26.26 13.95
N MET B 103 7.56 -27.17 13.81
CA MET B 103 7.47 -27.95 12.60
C MET B 103 6.70 -27.20 11.51
N LEU B 104 7.02 -27.52 10.26
CA LEU B 104 6.18 -27.10 9.15
C LEU B 104 4.71 -27.38 9.46
N THR B 105 3.83 -26.43 9.15
CA THR B 105 2.39 -26.65 9.30
C THR B 105 1.79 -27.22 8.00
N GLY B 106 0.53 -27.67 8.13
CA GLY B 106 -0.23 -28.11 6.97
C GLY B 106 -0.28 -27.03 5.90
N GLN B 107 -0.48 -25.78 6.32
CA GLN B 107 -0.44 -24.67 5.38
C GLN B 107 0.93 -24.54 4.72
N GLY B 108 1.99 -24.68 5.52
CA GLY B 108 3.34 -24.58 4.97
C GLY B 108 3.58 -25.63 3.90
N ALA B 109 3.13 -26.85 4.15
CA ALA B 109 3.28 -27.92 3.16
C ALA B 109 2.46 -27.63 1.91
N GLN B 110 1.21 -27.18 2.09
CA GLN B 110 0.37 -26.86 0.94
C GLN B 110 0.95 -25.71 0.13
N GLN B 111 1.53 -24.70 0.80
CA GLN B 111 2.11 -23.59 0.05
C GLN B 111 3.09 -24.11 -0.98
N HIS B 112 4.02 -24.95 -0.54
CA HIS B 112 5.10 -25.41 -1.41
C HIS B 112 4.63 -26.43 -2.40
N TYR B 113 3.72 -27.32 -2.01
CA TYR B 113 3.11 -28.25 -2.95
C TYR B 113 2.49 -27.49 -4.13
N GLY B 114 1.73 -26.43 -3.83
CA GLY B 114 1.09 -25.66 -4.89
C GLY B 114 2.09 -24.93 -5.76
N ILE B 115 3.11 -24.32 -5.14
CA ILE B 115 4.15 -23.64 -5.90
C ILE B 115 4.84 -24.62 -6.83
N GLY B 116 5.10 -25.84 -6.34
CA GLY B 116 5.73 -26.87 -7.18
C GLY B 116 4.87 -27.28 -8.35
N GLU B 117 3.59 -27.55 -8.09
CA GLU B 117 2.68 -27.89 -9.18
C GLU B 117 2.69 -26.80 -10.25
N ARG B 118 2.63 -25.54 -9.83
CA ARG B 118 2.55 -24.44 -10.79
C ARG B 118 3.89 -24.20 -11.47
N ALA B 119 5.01 -24.55 -10.83
CA ALA B 119 6.30 -24.44 -11.48
C ALA B 119 6.39 -25.38 -12.68
N TYR B 120 5.91 -26.62 -12.54
CA TYR B 120 5.88 -27.51 -13.70
C TYR B 120 4.96 -26.95 -14.77
N GLN B 121 3.75 -26.51 -14.37
CA GLN B 121 2.76 -26.07 -15.33
C GLN B 121 3.27 -24.87 -16.14
N ARG B 122 3.95 -23.92 -15.49
CA ARG B 122 4.39 -22.71 -16.18
C ARG B 122 5.48 -23.02 -17.21
N ASN B 123 6.24 -24.10 -17.01
CA ASN B 123 7.31 -24.49 -17.93
C ASN B 123 7.12 -25.93 -18.43
N ARG B 124 5.88 -26.29 -18.72
CA ARG B 124 5.57 -27.67 -19.10
C ARG B 124 6.41 -28.08 -20.31
N SER B 125 6.60 -27.17 -21.26
CA SER B 125 7.36 -27.48 -22.46
C SER B 125 8.80 -27.82 -22.13
N LEU B 126 9.44 -26.97 -21.32
CA LEU B 126 10.82 -27.20 -20.90
C LEU B 126 10.96 -28.58 -20.27
N PHE B 127 10.10 -28.90 -19.32
CA PHE B 127 10.26 -30.12 -18.56
C PHE B 127 9.88 -31.35 -19.36
N ASP B 128 8.89 -31.24 -20.24
CA ASP B 128 8.57 -32.36 -21.12
C ASP B 128 9.74 -32.64 -22.07
N GLN B 129 10.37 -31.60 -22.60
CA GLN B 129 11.58 -31.79 -23.41
C GLN B 129 12.69 -32.42 -22.56
N ALA B 130 12.83 -31.95 -21.32
CA ALA B 130 13.86 -32.49 -20.45
C ALA B 130 13.66 -33.99 -20.22
N ALA B 131 12.40 -34.43 -20.06
CA ALA B 131 12.11 -35.85 -19.86
C ALA B 131 12.51 -36.68 -21.07
N ALA B 132 12.46 -36.08 -22.26
CA ALA B 132 12.82 -36.80 -23.48
C ALA B 132 14.29 -36.69 -23.82
N ASP B 133 14.97 -35.63 -23.39
CA ASP B 133 16.32 -35.34 -23.86
C ASP B 133 17.34 -35.44 -22.73
N GLY B 134 16.96 -36.00 -21.59
CA GLY B 134 17.92 -36.15 -20.51
C GLY B 134 18.29 -34.86 -19.81
N GLY B 135 17.34 -33.98 -19.59
CA GLY B 135 17.60 -32.83 -18.77
C GLY B 135 17.64 -33.21 -17.31
N THR B 136 18.23 -32.37 -16.48
CA THR B 136 18.31 -32.67 -15.06
C THR B 136 17.73 -31.52 -14.24
N ILE B 137 17.18 -31.90 -13.09
CA ILE B 137 16.62 -30.96 -12.12
C ILE B 137 17.46 -31.05 -10.85
N ALA B 138 17.89 -29.89 -10.34
CA ALA B 138 18.68 -29.80 -9.12
C ALA B 138 17.84 -29.18 -8.02
N TYR B 139 17.71 -29.91 -6.91
CA TYR B 139 17.08 -29.41 -5.70
C TYR B 139 18.15 -29.04 -4.69
N GLN B 140 17.99 -27.90 -4.04
CA GLN B 140 18.92 -27.43 -3.01
C GLN B 140 18.19 -26.86 -1.81
N SER B 141 18.82 -27.02 -0.65
CA SER B 141 18.35 -26.48 0.62
C SER B 141 19.53 -25.91 1.39
N SER B 142 19.24 -25.06 2.38
CA SER B 142 20.27 -24.63 3.31
C SER B 142 20.78 -25.78 4.18
N GLY B 143 20.03 -26.88 4.26
CA GLY B 143 20.27 -27.92 5.23
C GLY B 143 19.37 -27.84 6.44
N GLU B 144 18.66 -26.73 6.59
CA GLU B 144 17.78 -26.56 7.74
C GLU B 144 16.48 -27.33 7.50
N ALA B 145 15.96 -27.93 8.57
CA ALA B 145 14.89 -28.91 8.46
C ALA B 145 13.62 -28.33 7.81
N ARG B 146 13.19 -27.13 8.23
CA ARG B 146 11.97 -26.56 7.68
C ARG B 146 12.12 -26.22 6.19
N ALA B 147 13.30 -25.71 5.81
CA ALA B 147 13.53 -25.40 4.39
C ALA B 147 13.53 -26.68 3.56
N THR B 148 14.21 -27.72 4.04
CA THR B 148 14.23 -28.99 3.31
C THR B 148 12.84 -29.59 3.21
N GLU B 149 12.08 -29.57 4.31
CA GLU B 149 10.74 -30.15 4.27
C GLU B 149 9.83 -29.37 3.34
N SER B 150 10.01 -28.05 3.27
CA SER B 150 9.29 -27.26 2.29
C SER B 150 9.65 -27.72 0.89
N GLY B 151 10.95 -27.87 0.63
CA GLY B 151 11.39 -28.44 -0.64
C GLY B 151 10.74 -29.77 -0.96
N GLU B 152 10.66 -30.66 0.04
CA GLU B 152 10.06 -31.97 -0.19
C GLU B 152 8.61 -31.84 -0.67
N ASN B 153 7.88 -30.88 -0.14
CA ASN B 153 6.50 -30.69 -0.55
C ASN B 153 6.42 -30.09 -1.94
N PHE B 154 7.34 -29.16 -2.26
CA PHE B 154 7.45 -28.65 -3.62
C PHE B 154 7.71 -29.79 -4.61
N GLU B 155 8.68 -30.65 -4.27
CA GLU B 155 9.03 -31.81 -5.07
C GLU B 155 7.83 -32.72 -5.28
N LYS B 156 7.07 -32.97 -4.21
CA LYS B 156 5.87 -33.79 -4.29
C LYS B 156 4.83 -33.17 -5.23
N GLY B 157 4.62 -31.86 -5.13
CA GLY B 157 3.65 -31.19 -5.99
C GLY B 157 4.10 -31.14 -7.43
N PHE B 158 5.36 -30.77 -7.67
CA PHE B 158 5.94 -30.82 -9.01
C PHE B 158 5.76 -32.18 -9.65
N ASN B 159 6.03 -33.25 -8.89
CA ASN B 159 5.93 -34.61 -9.40
C ASN B 159 4.48 -35.01 -9.66
N GLU B 160 3.55 -34.57 -8.82
CA GLU B 160 2.14 -34.87 -9.07
C GLU B 160 1.66 -34.21 -10.36
N ALA B 161 2.02 -32.95 -10.57
CA ALA B 161 1.59 -32.22 -11.76
C ALA B 161 2.21 -32.80 -13.04
N SER B 162 3.38 -33.42 -12.95
CA SER B 162 4.07 -33.95 -14.12
C SER B 162 3.96 -35.48 -14.23
N GLY B 163 3.09 -36.09 -13.43
CA GLY B 163 2.91 -37.53 -13.48
C GLY B 163 4.16 -38.32 -13.17
N GLY B 164 5.08 -37.75 -12.38
CA GLY B 164 6.32 -38.40 -12.05
C GLY B 164 7.30 -38.55 -13.20
N ARG B 165 7.04 -37.90 -14.32
CA ARG B 165 7.88 -38.09 -15.49
C ARG B 165 9.26 -37.43 -15.39
N LEU B 166 9.56 -36.68 -14.32
CA LEU B 166 10.87 -36.09 -14.11
C LEU B 166 11.60 -36.69 -12.91
N ILE B 167 11.04 -37.74 -12.31
CA ILE B 167 11.64 -38.35 -11.12
C ILE B 167 13.02 -38.89 -11.44
N GLY B 168 13.20 -39.40 -12.65
CA GLY B 168 14.46 -39.98 -13.06
C GLY B 168 15.49 -38.97 -13.51
N ASN B 169 15.10 -37.70 -13.51
CA ASN B 169 15.92 -36.60 -14.02
C ASN B 169 16.53 -35.77 -12.89
N VAL B 170 16.33 -36.17 -11.65
CA VAL B 170 16.79 -35.38 -10.52
C VAL B 170 18.28 -35.65 -10.27
N SER B 171 19.04 -34.58 -10.17
CA SER B 171 20.45 -34.63 -9.82
C SER B 171 20.67 -35.28 -8.46
N ALA B 172 21.59 -36.25 -8.39
CA ALA B 172 21.89 -36.91 -7.12
C ALA B 172 22.83 -36.05 -6.29
N PRO B 173 22.46 -35.65 -5.07
CA PRO B 173 23.35 -34.79 -4.30
C PRO B 173 24.64 -35.50 -3.94
N THR B 174 25.71 -34.72 -3.85
CA THR B 174 26.94 -35.17 -3.20
C THR B 174 26.93 -34.88 -1.71
N ASN B 175 26.09 -33.95 -1.24
CA ASN B 175 25.98 -33.63 0.17
C ASN B 175 24.51 -33.50 0.52
N PRO B 176 23.80 -34.62 0.57
CA PRO B 176 22.35 -34.57 0.76
C PRO B 176 21.93 -34.06 2.14
N ALA B 177 20.74 -33.46 2.19
CA ALA B 177 20.23 -32.93 3.46
C ALA B 177 20.03 -34.07 4.47
N ASP B 178 19.55 -35.21 4.00
CA ASP B 178 19.47 -36.41 4.82
C ASP B 178 19.36 -37.59 3.87
N SER B 179 19.39 -38.79 4.42
CA SER B 179 19.35 -39.99 3.62
C SER B 179 17.95 -40.56 3.47
N GLY B 180 16.94 -39.85 3.97
CA GLY B 180 15.56 -40.27 3.86
C GLY B 180 14.75 -39.37 2.93
N ASN B 181 13.75 -38.71 3.49
CA ASN B 181 12.87 -37.88 2.67
C ASN B 181 13.58 -36.71 2.01
N GLY B 182 14.72 -36.27 2.54
CA GLY B 182 15.45 -35.15 2.00
C GLY B 182 16.62 -35.55 1.12
N LYS B 183 16.61 -36.80 0.66
CA LYS B 183 17.77 -37.34 -0.07
C LYS B 183 18.03 -36.64 -1.40
N ASP B 184 17.04 -35.95 -1.98
CA ASP B 184 17.27 -35.28 -3.26
C ASP B 184 17.82 -33.86 -3.10
N PHE B 185 18.00 -33.38 -1.88
CA PHE B 185 18.34 -31.98 -1.64
C PHE B 185 19.83 -31.82 -1.37
N GLN B 186 20.52 -31.17 -2.30
CA GLN B 186 21.91 -30.79 -2.10
C GLN B 186 21.99 -29.61 -1.14
N LYS B 187 22.78 -29.76 -0.08
CA LYS B 187 22.96 -28.65 0.85
C LYS B 187 23.86 -27.62 0.22
N ASN B 188 23.45 -26.36 0.29
CA ASN B 188 24.22 -25.24 -0.26
C ASN B 188 24.10 -24.05 0.67
N PRO B 189 24.75 -24.11 1.85
CA PRO B 189 24.62 -23.00 2.79
C PRO B 189 25.40 -21.75 2.38
N ASP B 190 26.29 -21.85 1.39
CA ASP B 190 26.97 -20.64 0.94
C ASP B 190 26.02 -19.74 0.16
N THR B 191 25.02 -20.31 -0.51
CA THR B 191 24.05 -19.48 -1.21
C THR B 191 22.70 -19.40 -0.51
N LEU B 192 22.42 -20.31 0.43
CA LEU B 192 21.12 -20.36 1.07
C LEU B 192 21.19 -20.18 2.58
N TYR B 193 22.37 -19.87 3.11
CA TYR B 193 22.56 -19.63 4.55
C TYR B 193 23.80 -18.75 4.73
N PHE B 194 23.91 -17.73 3.88
CA PHE B 194 25.09 -16.88 3.81
C PHE B 194 25.17 -15.87 4.94
N HIS B 195 24.16 -15.78 5.80
CA HIS B 195 24.10 -14.78 6.86
C HIS B 195 24.79 -15.23 8.16
N LYS B 196 25.17 -16.50 8.25
CA LYS B 196 25.79 -17.03 9.45
C LYS B 196 26.99 -17.89 9.08
N VAL B 197 27.96 -17.92 10.00
CA VAL B 197 29.15 -18.75 9.81
C VAL B 197 28.80 -20.21 10.03
N GLN B 198 27.94 -20.46 11.01
CA GLN B 198 27.52 -21.80 11.36
C GLN B 198 26.40 -22.24 10.41
N ASN B 199 26.56 -23.44 9.83
CA ASN B 199 25.60 -24.03 8.90
C ASN B 199 24.57 -24.86 9.64
N PRO B 200 23.36 -24.98 9.07
CA PRO B 200 22.31 -25.75 9.74
C PRO B 200 22.68 -27.18 10.04
N ASP B 201 23.60 -27.78 9.30
CA ASP B 201 23.95 -29.18 9.54
C ASP B 201 25.07 -29.37 10.57
N GLY B 202 25.49 -28.32 11.27
CA GLY B 202 26.53 -28.43 12.28
C GLY B 202 27.93 -28.10 11.78
N THR B 203 28.17 -28.13 10.48
CA THR B 203 29.44 -27.65 9.94
C THR B 203 29.50 -26.13 10.01
N SER B 204 30.69 -25.59 9.77
CA SER B 204 30.89 -24.15 9.73
C SER B 204 31.61 -23.75 8.46
N LYS B 205 31.32 -22.55 7.97
CA LYS B 205 32.07 -21.98 6.87
C LYS B 205 33.54 -21.85 7.23
N VAL B 206 34.40 -22.03 6.23
CA VAL B 206 35.84 -22.24 6.45
C VAL B 206 36.55 -20.90 6.37
N PRO B 207 37.27 -20.48 7.41
CA PRO B 207 38.04 -19.23 7.32
C PRO B 207 38.99 -19.24 6.13
N GLY B 208 39.06 -18.10 5.45
CA GLY B 208 39.78 -17.98 4.20
C GLY B 208 38.91 -18.05 2.97
N THR B 209 37.69 -18.59 3.08
CA THR B 209 36.76 -18.60 1.97
C THR B 209 35.96 -17.29 1.97
N LYS B 210 35.51 -16.89 0.77
CA LYS B 210 34.63 -15.74 0.68
C LYS B 210 33.39 -15.92 1.56
N ALA B 211 32.85 -17.13 1.61
CA ALA B 211 31.63 -17.37 2.37
C ALA B 211 31.81 -17.09 3.86
N TYR B 212 32.96 -17.47 4.42
CA TYR B 212 33.20 -17.20 5.84
C TYR B 212 33.26 -15.70 6.09
N ASP B 213 34.03 -14.97 5.27
CA ASP B 213 34.20 -13.53 5.47
C ASP B 213 32.87 -12.80 5.33
N ILE B 214 32.06 -13.17 4.35
CA ILE B 214 30.77 -12.54 4.17
C ILE B 214 29.95 -12.66 5.44
N ALA B 215 29.84 -13.89 5.96
CA ALA B 215 28.98 -14.12 7.12
C ALA B 215 29.57 -13.49 8.36
N ASN B 216 30.86 -13.67 8.56
CA ASN B 216 31.50 -13.20 9.78
C ASN B 216 31.48 -11.68 9.86
N ASN B 217 31.78 -11.02 8.74
CA ASN B 217 31.73 -9.56 8.72
C ASN B 217 30.31 -9.06 8.97
N TYR B 218 29.31 -9.75 8.41
CA TYR B 218 27.92 -9.35 8.62
C TYR B 218 27.53 -9.46 10.09
N GLN B 219 27.82 -10.60 10.71
CA GLN B 219 27.40 -10.79 12.11
C GLN B 219 28.05 -9.74 13.01
N ASN B 220 29.33 -9.46 12.77
CA ASN B 220 30.02 -8.43 13.54
C ASN B 220 29.42 -7.06 13.29
N PHE B 221 29.11 -6.76 12.02
CA PHE B 221 28.52 -5.48 11.68
C PHE B 221 27.21 -5.27 12.40
N VAL B 222 26.28 -6.23 12.31
CA VAL B 222 24.94 -5.97 12.84
C VAL B 222 24.96 -5.96 14.35
N ALA B 223 25.86 -6.72 14.98
CA ALA B 223 25.91 -6.77 16.44
C ALA B 223 26.43 -5.49 17.05
N ASN B 224 27.23 -4.73 16.31
CA ASN B 224 27.96 -3.60 16.84
C ASN B 224 27.57 -2.26 16.23
N ASP B 225 26.65 -2.23 15.26
CA ASP B 225 26.35 -0.97 14.59
C ASP B 225 25.48 -0.07 15.47
N ALA B 226 25.95 1.15 15.71
CA ALA B 226 25.28 2.08 16.62
C ALA B 226 24.02 2.67 16.00
N THR B 227 23.99 2.84 14.68
CA THR B 227 22.79 3.38 14.06
C THR B 227 21.63 2.39 14.17
N ILE B 228 21.89 1.14 13.83
CA ILE B 228 20.87 0.11 14.00
C ILE B 228 20.47 0.01 15.46
N ALA B 229 21.43 -0.06 16.37
CA ALA B 229 21.11 -0.18 17.78
C ALA B 229 20.25 1.00 18.24
N GLY B 230 20.64 2.22 17.87
CA GLY B 230 19.90 3.39 18.29
C GLY B 230 18.48 3.44 17.73
N ALA B 231 18.34 3.17 16.43
CA ALA B 231 17.03 3.21 15.82
C ALA B 231 16.10 2.17 16.42
N GLU B 232 16.62 0.97 16.72
CA GLU B 232 15.77 -0.06 17.30
C GLU B 232 15.34 0.32 18.72
N LYS B 233 16.21 0.97 19.49
CA LYS B 233 15.80 1.48 20.79
C LYS B 233 14.71 2.53 20.64
N THR B 234 14.90 3.50 19.74
CA THR B 234 13.88 4.50 19.50
C THR B 234 12.54 3.84 19.19
N ILE B 235 12.54 2.82 18.34
CA ILE B 235 11.30 2.16 17.96
C ILE B 235 10.73 1.35 19.12
N GLY B 236 11.59 0.65 19.87
CA GLY B 236 11.12 -0.08 21.03
C GLY B 236 10.56 0.82 22.13
N ASP B 237 11.22 1.96 22.37
CA ASP B 237 10.76 2.93 23.35
C ASP B 237 9.54 3.70 22.90
N ASN B 238 9.02 3.42 21.72
CA ASN B 238 7.98 4.26 21.18
C ASN B 238 6.79 4.27 22.11
N VAL B 239 6.40 5.47 22.56
CA VAL B 239 5.26 5.59 23.47
C VAL B 239 3.99 4.96 22.87
N ASP B 240 3.81 5.07 21.56
CA ASP B 240 2.60 4.54 20.94
C ASP B 240 2.58 3.01 20.93
N VAL B 241 3.74 2.36 20.89
CA VAL B 241 3.75 0.91 21.05
C VAL B 241 3.30 0.54 22.45
N LYS B 242 3.69 1.34 23.44
CA LYS B 242 3.28 1.05 24.82
C LYS B 242 1.80 1.31 25.00
N ARG B 243 1.28 2.39 24.41
CA ARG B 243 -0.16 2.63 24.44
C ARG B 243 -0.91 1.49 23.78
N ALA B 244 -0.39 1.01 22.64
CA ALA B 244 -1.05 -0.08 21.93
C ALA B 244 -1.04 -1.36 22.75
N SER B 245 0.01 -1.56 23.56
CA SER B 245 0.09 -2.76 24.38
C SER B 245 -0.97 -2.75 25.46
N HIS B 246 -1.11 -1.63 26.16
CA HIS B 246 -2.20 -1.48 27.12
C HIS B 246 -3.55 -1.63 26.43
N ASP B 247 -3.75 -0.91 25.34
CA ASP B 247 -5.03 -0.94 24.65
C ASP B 247 -5.44 -2.37 24.31
N LEU B 248 -4.52 -3.15 23.77
CA LEU B 248 -4.83 -4.53 23.39
C LEU B 248 -5.23 -5.36 24.61
N LEU B 249 -4.40 -5.31 25.65
CA LEU B 249 -4.64 -6.14 26.83
C LEU B 249 -5.90 -5.74 27.58
N SER B 250 -6.33 -4.49 27.45
CA SER B 250 -7.49 -4.04 28.22
C SER B 250 -8.77 -4.74 27.80
N GLN B 251 -8.80 -5.42 26.65
CA GLN B 251 -10.03 -6.10 26.31
C GLN B 251 -10.17 -7.44 27.04
N ILE B 252 -9.11 -7.86 27.74
CA ILE B 252 -9.06 -9.14 28.44
C ILE B 252 -8.97 -8.93 29.94
N PHE B 253 -8.03 -8.08 30.36
CA PHE B 253 -7.67 -7.92 31.76
C PHE B 253 -8.21 -6.60 32.31
N THR B 254 -8.41 -6.57 33.63
CA THR B 254 -8.95 -5.36 34.27
C THR B 254 -7.89 -4.26 34.36
N GLU B 255 -8.37 -3.02 34.47
CA GLU B 255 -7.45 -1.89 34.68
C GLU B 255 -6.60 -2.08 35.93
N GLU B 256 -7.19 -2.59 37.02
CA GLU B 256 -6.41 -2.81 38.24
C GLU B 256 -5.32 -3.85 38.01
N PHE B 257 -5.66 -4.97 37.36
CA PHE B 257 -4.65 -5.98 37.07
C PHE B 257 -3.52 -5.40 36.22
N LEU B 258 -3.87 -4.65 35.17
CA LEU B 258 -2.84 -4.09 34.31
C LEU B 258 -2.04 -2.99 35.01
N ALA B 259 -2.69 -2.23 35.89
CA ALA B 259 -1.96 -1.23 36.67
C ALA B 259 -0.87 -1.91 37.52
N LYS B 260 -1.21 -3.05 38.12
CA LYS B 260 -0.22 -3.79 38.90
C LYS B 260 0.94 -4.24 38.02
N LEU B 261 0.65 -4.76 36.83
CA LEU B 261 1.71 -5.11 35.90
C LEU B 261 2.57 -3.89 35.54
N GLU B 262 1.92 -2.77 35.17
CA GLU B 262 2.67 -1.56 34.86
C GLU B 262 3.54 -1.11 36.02
N ASN B 263 3.12 -1.34 37.27
CA ASN B 263 3.90 -0.94 38.44
C ASN B 263 4.90 -2.02 38.88
N GLY B 264 5.06 -3.09 38.10
CA GLY B 264 6.05 -4.12 38.40
C GLY B 264 5.68 -5.07 39.52
N GLU B 265 4.39 -5.14 39.90
CA GLU B 265 3.96 -6.03 40.96
C GLU B 265 3.73 -7.45 40.46
N TYR B 266 3.68 -7.63 39.14
CA TYR B 266 3.50 -8.93 38.51
C TYR B 266 4.66 -9.15 37.56
N LYS B 267 5.19 -10.37 37.56
CA LYS B 267 6.24 -10.83 36.65
C LYS B 267 6.05 -12.33 36.48
N TRP B 268 6.14 -12.82 35.26
CA TRP B 268 5.98 -14.25 34.99
C TRP B 268 7.18 -14.77 34.24
N TYR B 269 7.73 -15.88 34.72
CA TYR B 269 8.83 -16.60 34.08
C TYR B 269 8.30 -17.89 33.49
N ASN B 270 9.00 -18.41 32.50
CA ASN B 270 8.53 -19.60 31.77
C ASN B 270 8.91 -20.87 32.54
N THR B 271 8.22 -21.08 33.67
CA THR B 271 8.45 -22.19 34.58
C THR B 271 7.11 -22.83 34.95
N THR B 272 7.19 -23.90 35.77
CA THR B 272 6.00 -24.65 36.16
C THR B 272 4.98 -23.80 36.89
N ASP B 273 5.42 -22.79 37.66
CA ASP B 273 4.46 -21.99 38.40
C ASP B 273 4.57 -20.51 38.07
N GLY B 274 5.25 -20.16 36.97
CA GLY B 274 5.41 -18.77 36.58
C GLY B 274 6.39 -17.97 37.42
N THR B 275 7.06 -18.58 38.40
CA THR B 275 8.02 -17.85 39.22
C THR B 275 9.44 -18.29 38.86
N LYS B 276 10.38 -17.49 39.35
CA LYS B 276 11.78 -17.76 39.08
C LYS B 276 12.22 -19.06 39.72
N LYS B 277 11.61 -19.44 40.84
CA LYS B 277 12.01 -20.68 41.50
C LYS B 277 11.21 -21.89 41.00
N GLY B 278 10.29 -21.70 40.05
CA GLY B 278 9.65 -22.83 39.43
C GLY B 278 10.64 -23.73 38.69
N GLY B 279 10.11 -24.85 38.22
CA GLY B 279 10.91 -25.81 37.47
C GLY B 279 10.74 -25.66 35.96
N LYS B 280 11.60 -26.37 35.24
CA LYS B 280 11.45 -26.50 33.80
C LYS B 280 10.04 -27.00 33.48
N ASN B 281 9.42 -26.34 32.50
CA ASN B 281 8.06 -26.67 32.13
C ASN B 281 8.00 -27.24 30.72
N CYS B 282 6.99 -28.07 30.49
CA CYS B 282 6.69 -28.60 29.17
C CYS B 282 5.20 -28.51 28.90
N ALA B 283 4.89 -28.33 27.62
CA ALA B 283 3.51 -28.19 27.20
C ALA B 283 2.69 -29.39 27.67
N PRO B 284 1.44 -29.18 28.13
CA PRO B 284 0.60 -30.33 28.49
C PRO B 284 0.48 -31.33 27.34
N GLY B 285 0.67 -32.60 27.67
CA GLY B 285 0.53 -33.68 26.72
C GLY B 285 1.74 -33.96 25.86
N ALA B 286 2.77 -33.13 25.91
CA ALA B 286 3.95 -33.33 25.10
C ALA B 286 4.88 -34.34 25.75
N ASP B 287 5.63 -35.04 24.90
CA ASP B 287 6.70 -35.94 25.33
C ASP B 287 8.02 -35.22 25.10
N ALA B 288 8.66 -34.80 26.20
CA ALA B 288 9.89 -34.02 26.10
C ALA B 288 10.98 -34.78 25.34
N SER B 289 10.99 -36.11 25.45
CA SER B 289 11.97 -36.91 24.74
C SER B 289 11.84 -36.75 23.24
N LYS B 290 10.61 -36.69 22.75
CA LYS B 290 10.35 -36.60 21.32
C LYS B 290 10.26 -35.17 20.82
N ASP B 291 9.92 -34.21 21.69
CA ASP B 291 9.71 -32.82 21.30
C ASP B 291 10.31 -31.91 22.36
N PRO B 292 11.63 -31.77 22.38
CA PRO B 292 12.28 -30.92 23.41
C PRO B 292 11.89 -29.47 23.33
N ASP B 293 11.47 -28.99 22.16
CA ASP B 293 11.01 -27.61 22.08
C ASP B 293 9.63 -27.43 22.72
N ALA B 294 8.94 -28.52 23.07
CA ALA B 294 7.74 -28.41 23.90
C ALA B 294 8.06 -27.99 25.34
N CYS B 295 9.33 -27.92 25.71
CA CYS B 295 9.75 -27.43 27.02
C CYS B 295 10.54 -26.15 26.81
N GLY B 296 10.08 -25.08 27.44
CA GLY B 296 10.62 -23.78 27.14
C GLY B 296 11.82 -23.40 27.99
N GLU B 297 12.46 -22.30 27.59
CA GLU B 297 13.57 -21.72 28.32
C GLU B 297 13.03 -20.92 29.51
N VAL B 298 13.52 -21.23 30.72
CA VAL B 298 12.96 -20.63 31.93
C VAL B 298 13.21 -19.13 31.99
N SER B 299 14.23 -18.63 31.28
CA SER B 299 14.53 -17.19 31.37
C SER B 299 13.50 -16.33 30.66
N LYS B 300 12.74 -16.89 29.73
CA LYS B 300 11.75 -16.10 29.02
C LYS B 300 10.71 -15.59 30.01
N LYS B 301 10.22 -14.36 29.77
CA LYS B 301 9.40 -13.74 30.80
C LYS B 301 8.45 -12.68 30.22
N ILE B 302 7.42 -12.40 31.03
CA ILE B 302 6.56 -11.22 30.88
C ILE B 302 6.78 -10.35 32.11
N LYS B 303 7.31 -9.14 31.91
CA LYS B 303 7.48 -8.18 32.99
C LYS B 303 6.82 -6.85 32.67
N SER B 304 6.03 -6.77 31.61
CA SER B 304 5.43 -5.51 31.20
C SER B 304 4.25 -5.81 30.29
N GLU B 305 3.39 -4.80 30.16
CA GLU B 305 2.33 -4.85 29.16
C GLU B 305 2.90 -5.09 27.78
N TYR B 306 4.01 -4.47 27.45
CA TYR B 306 4.60 -4.67 26.13
C TYR B 306 4.89 -6.15 25.91
N ASP B 307 5.51 -6.79 26.91
CA ASP B 307 5.81 -8.22 26.79
C ASP B 307 4.56 -9.02 26.49
N ALA B 308 3.52 -8.82 27.28
CA ALA B 308 2.33 -9.65 27.15
C ALA B 308 1.61 -9.39 25.85
N ALA B 309 1.54 -8.11 25.46
CA ALA B 309 0.85 -7.77 24.23
C ALA B 309 1.61 -8.27 23.02
N MET B 310 2.94 -8.11 23.01
CA MET B 310 3.72 -8.63 21.90
C MET B 310 3.64 -10.15 21.84
N ASP B 311 3.66 -10.82 22.98
CA ASP B 311 3.45 -12.27 22.98
C ASP B 311 2.08 -12.62 22.38
N LEU B 312 1.04 -11.88 22.72
CA LEU B 312 -0.29 -12.19 22.19
C LEU B 312 -0.33 -11.95 20.69
N TYR B 313 0.33 -10.88 20.24
CA TYR B 313 0.44 -10.61 18.81
C TYR B 313 1.18 -11.73 18.10
N ASN B 314 2.23 -12.28 18.72
CA ASN B 314 2.92 -13.41 18.11
C ASN B 314 2.01 -14.63 18.00
N LEU B 315 1.14 -14.86 18.99
CA LEU B 315 0.18 -15.95 18.86
C LEU B 315 -0.80 -15.71 17.71
N TYR B 316 -1.20 -14.45 17.52
CA TYR B 316 -2.13 -14.09 16.45
C TYR B 316 -1.52 -14.37 15.08
N ILE B 317 -0.26 -13.99 14.87
CA ILE B 317 0.30 -14.14 13.53
C ILE B 317 0.67 -15.60 13.28
N ILE B 318 1.12 -16.33 14.31
CA ILE B 318 1.39 -17.76 14.10
C ILE B 318 0.09 -18.52 13.93
N ALA B 319 -0.99 -18.11 14.61
CA ALA B 319 -2.27 -18.78 14.40
C ALA B 319 -2.68 -18.79 12.93
N ALA B 320 -2.40 -17.69 12.23
CA ALA B 320 -2.71 -17.63 10.79
C ALA B 320 -1.91 -18.69 10.03
N ASP B 321 -0.66 -18.87 10.41
CA ASP B 321 0.19 -19.90 9.83
C ASP B 321 -0.29 -21.30 10.19
N MET B 322 -0.97 -21.43 11.34
CA MET B 322 -1.48 -22.72 11.79
C MET B 322 -2.95 -22.91 11.46
N HIS B 323 -3.44 -22.24 10.40
CA HIS B 323 -4.85 -22.33 10.03
C HIS B 323 -5.32 -23.78 9.89
N ASN B 324 -4.50 -24.63 9.27
CA ASN B 324 -4.93 -25.99 9.00
C ASN B 324 -5.02 -26.80 10.29
N GLU B 325 -4.38 -26.35 11.36
CA GLU B 325 -4.44 -26.99 12.65
C GLU B 325 -5.47 -26.34 13.56
N ASN B 326 -6.11 -25.27 13.09
CA ASN B 326 -7.13 -24.55 13.85
C ASN B 326 -8.45 -25.25 13.58
N THR B 327 -8.64 -26.36 14.28
CA THR B 327 -9.63 -27.37 13.90
C THR B 327 -10.04 -28.23 15.08
N GLY B 328 -11.24 -28.80 14.95
CA GLY B 328 -11.66 -29.86 15.84
C GLY B 328 -11.51 -29.50 17.31
N ASP B 329 -10.77 -30.33 18.03
CA ASP B 329 -10.64 -30.25 19.48
C ASP B 329 -9.51 -29.33 19.92
N HIS B 330 -8.87 -28.61 18.98
CA HIS B 330 -7.91 -27.58 19.35
C HIS B 330 -8.05 -26.41 18.39
N THR B 331 -9.17 -25.70 18.53
CA THR B 331 -9.36 -24.45 17.81
C THR B 331 -8.85 -23.28 18.64
N PHE B 332 -8.64 -22.15 17.95
CA PHE B 332 -8.21 -20.94 18.61
C PHE B 332 -8.66 -19.77 17.73
N ALA B 333 -8.93 -18.63 18.37
CA ALA B 333 -9.48 -17.48 17.67
C ALA B 333 -8.80 -16.20 18.18
N PHE B 334 -7.49 -16.11 17.96
CA PHE B 334 -6.74 -14.93 18.38
C PHE B 334 -7.10 -13.72 17.54
N ASP B 335 -7.58 -13.95 16.32
CA ASP B 335 -8.09 -12.88 15.48
C ASP B 335 -9.13 -12.02 16.18
N GLN B 336 -9.93 -12.60 17.09
CA GLN B 336 -10.96 -11.78 17.74
C GLN B 336 -10.38 -10.65 18.57
N TYR B 337 -9.10 -10.72 18.94
CA TYR B 337 -8.50 -9.68 19.77
C TYR B 337 -7.95 -8.52 18.95
N PHE B 338 -8.00 -8.59 17.63
CA PHE B 338 -7.37 -7.61 16.77
C PHE B 338 -8.36 -7.09 15.73
N GLN B 339 -9.60 -6.89 16.16
CA GLN B 339 -10.69 -6.41 15.30
C GLN B 339 -10.97 -4.92 15.54
N GLY B 340 -11.53 -4.29 14.50
CA GLY B 340 -11.90 -2.90 14.67
C GLY B 340 -10.68 -2.09 15.06
N ALA B 341 -10.84 -1.24 16.08
CA ALA B 341 -9.75 -0.34 16.46
C ALA B 341 -8.54 -1.10 16.96
N TYR B 342 -8.73 -2.32 17.45
CA TYR B 342 -7.57 -3.08 17.90
C TYR B 342 -6.70 -3.53 16.76
N ALA B 343 -7.20 -3.47 15.50
CA ALA B 343 -6.33 -3.75 14.37
C ALA B 343 -5.20 -2.75 14.28
N ASP B 344 -5.41 -1.52 14.80
CA ASP B 344 -4.36 -0.52 14.83
C ASP B 344 -3.25 -0.92 15.78
N ASP B 345 -3.58 -1.66 16.83
CA ASP B 345 -2.56 -2.20 17.73
C ASP B 345 -1.71 -3.24 17.01
N ALA B 346 -2.37 -4.17 16.27
CA ALA B 346 -1.62 -5.11 15.45
C ALA B 346 -0.70 -4.37 14.48
N ARG B 347 -1.20 -3.30 13.86
CA ARG B 347 -0.35 -2.57 12.92
C ARG B 347 0.88 -2.01 13.62
N MET B 348 0.72 -1.53 14.85
CA MET B 348 1.87 -1.05 15.63
C MET B 348 2.88 -2.17 15.86
N PHE B 349 2.40 -3.35 16.27
CA PHE B 349 3.34 -4.45 16.55
C PHE B 349 4.00 -4.96 15.27
N ALA B 350 3.24 -5.00 14.17
CA ALA B 350 3.82 -5.35 12.87
C ALA B 350 4.96 -4.40 12.51
N TRP B 351 4.74 -3.10 12.75
CA TRP B 351 5.81 -2.13 12.49
C TRP B 351 7.03 -2.42 13.35
N ALA B 352 6.82 -2.75 14.62
CA ALA B 352 7.96 -3.01 15.50
C ALA B 352 8.75 -4.24 15.03
N LEU B 353 8.06 -5.29 14.58
CA LEU B 353 8.77 -6.47 14.14
C LEU B 353 9.39 -6.26 12.77
N ASP B 354 8.67 -5.61 11.87
CA ASP B 354 9.24 -5.27 10.56
C ASP B 354 10.49 -4.41 10.70
N ALA B 355 10.50 -3.48 11.67
CA ALA B 355 11.66 -2.62 11.86
C ALA B 355 12.91 -3.42 12.15
N GLU B 356 12.81 -4.43 13.03
CA GLU B 356 13.99 -5.22 13.36
C GLU B 356 14.53 -5.93 12.13
N ASP B 357 13.64 -6.55 11.34
CA ASP B 357 14.05 -7.20 10.09
C ASP B 357 14.59 -6.20 9.08
N PHE B 358 13.89 -5.09 8.88
CA PHE B 358 14.34 -4.07 7.94
C PHE B 358 15.76 -3.59 8.26
N TYR B 359 16.03 -3.31 9.54
CA TYR B 359 17.32 -2.75 9.88
C TYR B 359 18.43 -3.78 9.87
N GLU B 360 18.11 -5.04 10.13
CA GLU B 360 19.17 -6.05 10.28
C GLU B 360 19.42 -6.84 9.01
N LYS B 361 18.40 -6.95 8.13
CA LYS B 361 18.44 -7.85 6.99
C LYS B 361 17.93 -7.24 5.69
N GLY B 362 17.32 -6.05 5.73
CA GLY B 362 16.77 -5.43 4.56
C GLY B 362 17.63 -4.25 4.13
N PRO B 363 17.02 -3.27 3.45
CA PRO B 363 17.77 -2.07 3.02
C PRO B 363 18.46 -1.34 4.17
N SER B 364 17.84 -1.36 5.34
CA SER B 364 18.36 -0.71 6.55
C SER B 364 18.66 0.75 6.25
N TYR B 365 19.68 1.31 6.90
CA TYR B 365 19.90 2.74 6.85
C TYR B 365 20.79 3.15 5.68
N ALA B 366 20.59 4.40 5.26
CA ALA B 366 21.29 4.94 4.09
C ALA B 366 22.78 5.12 4.38
N GLY B 367 23.60 4.83 3.39
CA GLY B 367 25.03 4.98 3.51
C GLY B 367 25.76 3.69 3.74
N GLN B 368 25.06 2.57 3.78
CA GLN B 368 25.69 1.27 3.96
C GLN B 368 25.00 0.26 3.06
N ASN B 369 25.71 -0.80 2.71
CA ASN B 369 25.07 -1.95 2.07
C ASN B 369 25.49 -3.27 2.70
N GLU B 370 26.06 -3.22 3.90
CA GLU B 370 26.48 -4.45 4.58
C GLU B 370 25.28 -5.35 4.90
N THR B 371 24.12 -4.77 5.17
CA THR B 371 22.98 -5.60 5.56
C THR B 371 22.48 -6.48 4.42
N TYR B 372 22.74 -6.14 3.16
CA TYR B 372 22.21 -6.95 2.10
C TYR B 372 23.21 -7.34 1.02
N SER B 373 24.43 -6.79 1.05
CA SER B 373 25.46 -7.30 0.15
C SER B 373 25.74 -8.77 0.41
N ILE B 374 25.31 -9.29 1.57
CA ILE B 374 25.54 -10.68 1.92
C ILE B 374 24.86 -11.62 0.94
N ALA B 375 23.86 -11.16 0.20
CA ALA B 375 23.14 -12.02 -0.74
C ALA B 375 23.85 -12.17 -2.08
N GLN B 376 25.00 -11.52 -2.26
CA GLN B 376 25.71 -11.59 -3.53
C GLN B 376 25.99 -13.02 -3.98
N PRO B 377 26.41 -13.94 -3.11
CA PRO B 377 26.61 -15.33 -3.53
C PRO B 377 25.38 -15.96 -4.16
N LEU B 378 24.19 -15.61 -3.66
CA LEU B 378 22.98 -16.16 -4.27
C LEU B 378 22.70 -15.49 -5.61
N LEU B 379 22.88 -14.16 -5.70
CA LEU B 379 22.76 -13.50 -7.00
C LEU B 379 23.78 -14.04 -7.98
N ASP B 380 25.04 -14.19 -7.55
CA ASP B 380 26.04 -14.82 -8.40
C ASP B 380 25.55 -16.17 -8.90
N ASP B 381 25.01 -16.99 -8.00
CA ASP B 381 24.58 -18.33 -8.41
C ASP B 381 23.38 -18.29 -9.37
N PHE B 382 22.45 -17.34 -9.18
CA PHE B 382 21.31 -17.22 -10.08
C PHE B 382 21.79 -17.02 -11.51
N LEU B 383 22.85 -16.23 -11.70
CA LEU B 383 23.39 -15.97 -13.02
C LEU B 383 24.30 -17.11 -13.47
N ASN B 384 25.04 -17.71 -12.54
CA ASN B 384 26.02 -18.74 -12.89
C ASN B 384 25.31 -20.01 -13.39
N THR B 385 24.17 -20.35 -12.78
CA THR B 385 23.47 -21.56 -13.22
C THR B 385 22.79 -21.36 -14.56
N ILE B 386 22.41 -20.12 -14.89
CA ILE B 386 22.02 -19.83 -16.27
C ILE B 386 23.21 -20.05 -17.20
N ASP B 387 24.35 -19.44 -16.88
CA ASP B 387 25.54 -19.61 -17.72
C ASP B 387 25.87 -21.08 -17.94
N ALA B 388 25.76 -21.90 -16.89
CA ALA B 388 26.08 -23.33 -17.02
C ALA B 388 25.17 -24.00 -18.04
N ARG B 389 23.89 -23.63 -18.04
CA ARG B 389 22.95 -24.22 -18.97
C ARG B 389 23.20 -23.69 -20.38
N VAL B 390 23.35 -22.38 -20.52
CA VAL B 390 23.56 -21.78 -21.84
C VAL B 390 24.83 -22.32 -22.47
N ASN B 391 25.83 -22.59 -21.65
CA ASN B 391 27.12 -23.08 -22.11
C ASN B 391 27.20 -24.60 -22.18
N GLY B 392 26.07 -25.28 -22.38
CA GLY B 392 26.08 -26.70 -22.75
C GLY B 392 25.76 -27.65 -21.63
N GLY B 393 25.42 -27.13 -20.44
CA GLY B 393 25.03 -27.98 -19.34
C GLY B 393 23.64 -28.54 -19.51
N SER B 394 23.37 -29.62 -18.79
CA SER B 394 22.10 -30.32 -18.90
C SER B 394 21.10 -29.98 -17.79
N THR B 395 21.43 -29.10 -16.84
CA THR B 395 20.51 -28.80 -15.75
C THR B 395 19.52 -27.73 -16.20
N VAL B 396 18.27 -28.13 -16.41
CA VAL B 396 17.23 -27.22 -16.86
C VAL B 396 16.53 -26.46 -15.74
N ALA B 397 16.75 -26.84 -14.48
CA ALA B 397 16.10 -26.15 -13.38
C ALA B 397 16.92 -26.29 -12.11
N THR B 398 16.99 -25.20 -11.35
CA THR B 398 17.57 -25.21 -10.01
C THR B 398 16.51 -24.68 -9.05
N PHE B 399 16.05 -25.54 -8.15
CA PHE B 399 14.99 -25.21 -7.18
C PHE B 399 15.62 -25.16 -5.78
N ARG B 400 15.62 -23.96 -5.18
CA ARG B 400 16.32 -23.67 -3.94
C ARG B 400 15.33 -23.32 -2.83
N PHE B 401 15.64 -23.76 -1.61
CA PHE B 401 14.76 -23.59 -0.46
C PHE B 401 15.54 -23.07 0.74
N ALA B 402 15.04 -22.00 1.36
CA ALA B 402 15.85 -21.29 2.34
C ALA B 402 14.97 -20.49 3.29
N HIS B 403 15.31 -19.22 3.52
CA HIS B 403 14.86 -18.51 4.71
C HIS B 403 14.50 -17.05 4.41
N ALA B 404 13.73 -16.45 5.33
CA ALA B 404 13.56 -15.01 5.26
C ALA B 404 14.90 -14.30 5.36
N GLN B 405 15.83 -14.85 6.13
CA GLN B 405 17.17 -14.29 6.24
C GLN B 405 17.91 -14.36 4.91
N THR B 406 17.42 -15.19 3.99
CA THR B 406 17.89 -15.25 2.62
C THR B 406 17.14 -14.26 1.74
N MET B 407 15.81 -14.30 1.80
CA MET B 407 14.99 -13.50 0.90
C MET B 407 15.16 -12.00 1.14
N MET B 408 15.19 -11.55 2.40
CA MET B 408 15.23 -10.12 2.66
C MET B 408 16.45 -9.46 2.03
N PRO B 409 17.68 -9.94 2.27
CA PRO B 409 18.80 -9.25 1.60
C PRO B 409 18.84 -9.46 0.10
N PHE B 410 18.36 -10.60 -0.39
CA PHE B 410 18.31 -10.85 -1.83
C PHE B 410 17.41 -9.83 -2.52
N ALA B 411 16.22 -9.59 -1.94
CA ALA B 411 15.27 -8.61 -2.47
C ALA B 411 15.86 -7.20 -2.45
N ALA B 412 16.58 -6.84 -1.37
CA ALA B 412 17.19 -5.52 -1.31
C ALA B 412 18.33 -5.40 -2.32
N LEU B 413 19.15 -6.44 -2.46
CA LEU B 413 20.24 -6.42 -3.42
C LEU B 413 19.72 -6.30 -4.86
N LEU B 414 18.63 -7.02 -5.16
CA LEU B 414 18.01 -6.94 -6.48
C LEU B 414 17.19 -5.68 -6.67
N GLY B 415 16.90 -4.91 -5.61
CA GLY B 415 16.00 -3.78 -5.75
C GLY B 415 14.57 -4.17 -6.07
N LEU B 416 14.09 -5.29 -5.53
CA LEU B 416 12.74 -5.71 -5.84
C LEU B 416 11.73 -4.74 -5.24
N PRO B 417 10.52 -4.70 -5.81
CA PRO B 417 9.47 -3.84 -5.26
C PRO B 417 9.29 -4.08 -3.77
N GLY B 418 9.23 -3.00 -3.00
CA GLY B 418 9.16 -3.07 -1.56
C GLY B 418 10.50 -2.93 -0.86
N SER B 419 11.60 -3.21 -1.58
CA SER B 419 12.92 -3.22 -0.98
C SER B 419 13.83 -2.17 -1.62
N THR B 420 13.28 -1.04 -2.03
CA THR B 420 14.04 -0.03 -2.72
C THR B 420 14.39 1.19 -1.86
N GLN B 421 13.95 1.25 -0.61
CA GLN B 421 14.05 2.47 0.18
C GLN B 421 14.83 2.22 1.45
N GLN B 422 15.98 2.89 1.58
CA GLN B 422 16.71 2.89 2.83
C GLN B 422 16.18 3.98 3.77
N ALA B 423 16.34 3.75 5.07
CA ALA B 423 15.94 4.74 6.06
C ALA B 423 17.02 5.80 6.23
N PRO B 424 16.68 6.95 6.81
CA PRO B 424 17.72 7.94 7.13
C PRO B 424 18.76 7.31 8.05
N ALA B 425 20.01 7.77 7.92
CA ALA B 425 21.10 7.30 8.77
C ALA B 425 21.04 8.06 10.08
N SER B 426 20.05 7.68 10.89
CA SER B 426 19.63 8.42 12.06
C SER B 426 19.06 7.46 13.09
N THR B 427 19.33 7.72 14.37
CA THR B 427 18.70 6.97 15.43
C THR B 427 17.33 7.52 15.83
N THR B 428 16.95 8.69 15.33
CA THR B 428 15.68 9.31 15.69
C THR B 428 14.72 9.42 14.51
N ASP B 429 15.21 9.74 13.32
CA ASP B 429 14.38 9.79 12.12
C ASP B 429 14.41 8.41 11.50
N VAL B 430 13.60 7.52 12.06
CA VAL B 430 13.71 6.09 11.81
C VAL B 430 12.71 5.61 10.76
N TYR B 431 12.91 4.38 10.31
CA TYR B 431 11.95 3.64 9.52
C TYR B 431 10.57 3.68 10.16
N THR B 432 9.59 4.06 9.36
CA THR B 432 8.18 3.99 9.74
C THR B 432 7.38 3.51 8.54
N TYR B 433 6.14 3.13 8.81
CA TYR B 433 5.23 2.80 7.72
C TYR B 433 4.87 4.03 6.89
N GLY B 434 5.08 5.22 7.41
CA GLY B 434 4.80 6.42 6.65
C GLY B 434 5.90 6.85 5.70
N ASN B 435 7.14 6.43 5.96
CA ASN B 435 8.27 6.88 5.17
C ASN B 435 8.97 5.74 4.44
N ASN B 436 8.38 4.57 4.39
CA ASN B 436 9.04 3.45 3.72
C ASN B 436 8.00 2.47 3.23
N GLU B 437 8.24 1.94 2.03
CA GLU B 437 7.39 0.90 1.43
C GLU B 437 7.65 -0.50 2.00
N TRP B 438 8.74 -0.74 2.73
CA TRP B 438 9.08 -2.10 3.15
C TRP B 438 8.06 -2.65 4.14
N ARG B 439 7.57 -3.86 3.86
CA ARG B 439 6.69 -4.61 4.75
C ARG B 439 7.07 -6.08 4.69
N GLY B 440 7.20 -6.69 5.86
CA GLY B 440 7.43 -8.12 5.88
C GLY B 440 6.38 -8.90 5.12
N GLU B 441 5.13 -8.43 5.14
CA GLU B 441 4.03 -9.22 4.59
C GLU B 441 4.15 -9.36 3.08
N SER B 442 4.80 -8.40 2.43
CA SER B 442 4.93 -8.45 0.97
C SER B 442 6.35 -8.70 0.48
N VAL B 443 7.37 -8.25 1.22
CA VAL B 443 8.75 -8.58 0.87
C VAL B 443 9.02 -10.06 1.11
N THR B 444 8.57 -10.58 2.25
CA THR B 444 8.97 -11.94 2.64
C THR B 444 7.84 -12.63 3.42
N PRO B 445 6.68 -12.81 2.80
CA PRO B 445 5.68 -13.71 3.38
C PRO B 445 6.23 -15.11 3.53
N MET B 446 5.48 -15.95 4.24
CA MET B 446 5.80 -17.36 4.23
C MET B 446 5.79 -17.86 2.79
N ALA B 447 6.78 -18.71 2.47
CA ALA B 447 7.01 -19.27 1.14
C ALA B 447 7.28 -18.20 0.10
N ALA B 448 7.75 -17.03 0.52
CA ALA B 448 8.14 -16.01 -0.45
C ALA B 448 9.12 -16.63 -1.44
N ASN B 449 9.01 -16.25 -2.73
CA ASN B 449 9.88 -16.88 -3.71
C ASN B 449 10.12 -15.98 -4.92
N VAL B 450 11.32 -16.11 -5.46
CA VAL B 450 11.73 -15.47 -6.70
C VAL B 450 12.02 -16.57 -7.70
N GLN B 451 11.44 -16.45 -8.90
CA GLN B 451 11.69 -17.40 -9.97
C GLN B 451 12.06 -16.66 -11.24
N TRP B 452 13.01 -17.22 -11.99
CA TRP B 452 13.42 -16.68 -13.26
C TRP B 452 13.19 -17.72 -14.33
N ASP B 453 12.60 -17.30 -15.43
CA ASP B 453 12.45 -18.14 -16.63
C ASP B 453 13.43 -17.65 -17.68
N VAL B 454 14.08 -18.58 -18.36
CA VAL B 454 15.10 -18.23 -19.34
C VAL B 454 14.76 -18.90 -20.67
N TYR B 455 14.63 -18.10 -21.70
CA TYR B 455 14.33 -18.56 -23.05
C TYR B 455 15.49 -18.18 -23.97
N ALA B 456 15.48 -18.78 -25.15
CA ALA B 456 16.55 -18.56 -26.10
C ALA B 456 16.02 -18.83 -27.50
N ARG B 457 16.75 -18.28 -28.47
CA ARG B 457 16.45 -18.44 -29.88
C ARG B 457 17.61 -19.17 -30.54
N LYS B 458 17.28 -20.14 -31.39
CA LYS B 458 18.31 -20.92 -32.07
C LYS B 458 18.92 -20.09 -33.18
N GLY B 459 20.16 -20.42 -33.51
CA GLY B 459 20.83 -19.88 -34.66
C GLY B 459 21.89 -18.87 -34.31
N GLU B 460 22.26 -18.08 -35.32
CA GLU B 460 23.26 -17.02 -35.19
C GLU B 460 22.62 -15.68 -35.51
N ASP B 461 22.96 -14.68 -34.72
CA ASP B 461 22.55 -13.32 -35.03
C ASP B 461 23.42 -12.76 -36.15
N PRO B 462 22.85 -12.27 -37.24
CA PRO B 462 23.69 -11.71 -38.31
C PRO B 462 24.41 -10.44 -37.92
N ALA B 463 23.87 -9.68 -36.95
CA ALA B 463 24.51 -8.45 -36.48
C ALA B 463 25.62 -8.70 -35.47
N THR B 464 25.94 -9.95 -35.17
CA THR B 464 27.13 -10.31 -34.40
C THR B 464 27.63 -11.64 -34.94
N GLY B 465 28.64 -12.20 -34.30
CA GLY B 465 29.14 -13.50 -34.69
C GLY B 465 28.50 -14.64 -33.91
N GLN B 466 28.25 -14.41 -32.64
CA GLN B 466 27.78 -15.48 -31.76
C GLN B 466 26.26 -15.51 -31.72
N ARG B 467 25.75 -16.71 -31.49
CA ARG B 467 24.41 -17.03 -31.01
C ARG B 467 23.62 -15.85 -30.48
N TYR B 468 22.30 -15.98 -30.47
CA TYR B 468 21.44 -14.97 -29.86
C TYR B 468 21.57 -15.04 -28.35
N THR B 469 21.45 -13.88 -27.71
CA THR B 469 21.56 -13.81 -26.26
C THR B 469 20.31 -14.41 -25.62
N PRO B 470 20.44 -15.24 -24.58
CA PRO B 470 19.26 -15.68 -23.83
C PRO B 470 18.55 -14.50 -23.18
N ILE B 471 17.26 -14.70 -22.89
CA ILE B 471 16.42 -13.66 -22.31
C ILE B 471 15.74 -14.21 -21.07
N VAL B 472 15.45 -13.30 -20.11
CA VAL B 472 15.07 -13.68 -18.76
C VAL B 472 13.84 -12.89 -18.32
N ARG B 473 12.94 -13.55 -17.56
CA ARG B 473 11.71 -12.98 -17.05
C ARG B 473 11.57 -13.41 -15.60
N MET B 474 11.17 -12.48 -14.71
CA MET B 474 11.12 -12.75 -13.27
C MET B 474 9.68 -12.75 -12.76
N LEU B 475 9.39 -13.70 -11.88
CA LEU B 475 8.19 -13.69 -11.04
C LEU B 475 8.62 -13.54 -9.59
N TYR B 476 7.89 -12.71 -8.84
CA TYR B 476 8.13 -12.51 -7.43
C TYR B 476 6.84 -12.82 -6.70
N ASN B 477 6.86 -13.84 -5.85
CA ASN B 477 5.64 -14.35 -5.25
C ASN B 477 4.59 -14.64 -6.32
N GLU B 478 5.11 -15.15 -7.45
CA GLU B 478 4.35 -15.61 -8.62
C GLU B 478 3.59 -14.47 -9.30
N ASN B 479 3.99 -13.23 -9.04
CA ASN B 479 3.58 -12.08 -9.84
C ASN B 479 4.68 -11.77 -10.83
N GLU B 480 4.34 -11.67 -12.12
CA GLU B 480 5.34 -11.25 -13.10
C GLU B 480 5.70 -9.80 -12.82
N VAL B 481 7.00 -9.52 -12.71
CA VAL B 481 7.44 -8.15 -12.40
C VAL B 481 8.57 -7.73 -13.34
N PRO B 482 8.73 -6.44 -13.59
CA PRO B 482 9.95 -5.96 -14.23
C PRO B 482 11.14 -6.19 -13.32
N PHE B 483 12.33 -6.29 -13.93
CA PHE B 483 13.54 -6.11 -13.15
C PHE B 483 13.67 -4.64 -12.77
N ARG B 484 14.65 -4.35 -11.91
CA ARG B 484 14.84 -3.00 -11.41
C ARG B 484 14.96 -1.99 -12.56
N SER B 485 14.59 -0.74 -12.27
CA SER B 485 14.32 0.22 -13.35
C SER B 485 15.56 0.56 -14.18
N GLU B 486 16.77 0.36 -13.65
CA GLU B 486 17.97 0.59 -14.47
C GLU B 486 18.06 -0.39 -15.62
N CYS B 487 17.46 -1.57 -15.47
CA CYS B 487 17.50 -2.58 -16.51
C CYS B 487 16.61 -2.21 -17.68
N THR B 488 17.14 -2.42 -18.90
CA THR B 488 16.40 -2.15 -20.12
C THR B 488 15.92 -3.47 -20.70
N PRO B 489 14.60 -3.69 -20.87
CA PRO B 489 14.14 -4.97 -21.43
C PRO B 489 14.43 -5.12 -22.91
N VAL B 490 14.03 -6.25 -23.51
CA VAL B 490 14.43 -6.56 -24.88
C VAL B 490 13.68 -5.68 -25.88
N ALA B 491 12.58 -5.09 -25.46
CA ALA B 491 11.76 -4.25 -26.33
C ALA B 491 10.88 -3.37 -25.45
N ASP B 492 10.40 -2.27 -26.01
CA ASP B 492 9.39 -1.47 -25.32
C ASP B 492 8.23 -2.36 -24.89
N GLY B 493 7.78 -2.18 -23.65
CA GLY B 493 6.66 -2.92 -23.13
C GLY B 493 6.91 -4.37 -22.81
N SER B 494 8.16 -4.81 -22.74
CA SER B 494 8.45 -6.20 -22.41
C SER B 494 8.92 -6.34 -20.97
N THR B 495 8.65 -7.51 -20.39
CA THR B 495 9.26 -7.93 -19.14
C THR B 495 10.38 -8.93 -19.33
N TRP B 496 10.84 -9.14 -20.56
CA TRP B 496 11.97 -10.01 -20.84
C TRP B 496 13.22 -9.17 -21.00
N TYR B 497 14.34 -9.67 -20.47
CA TYR B 497 15.60 -8.96 -20.45
C TYR B 497 16.72 -9.87 -20.92
N LYS B 498 17.63 -9.33 -21.72
CA LYS B 498 18.82 -10.06 -22.13
C LYS B 498 19.67 -10.45 -20.92
N LEU B 499 20.21 -11.67 -20.97
CA LEU B 499 21.16 -12.11 -19.95
C LEU B 499 22.33 -11.12 -19.81
N THR B 500 22.86 -10.66 -20.93
CA THR B 500 23.93 -9.67 -20.92
C THR B 500 23.51 -8.40 -20.18
N GLU B 501 22.27 -7.95 -20.41
CA GLU B 501 21.76 -6.77 -19.74
C GLU B 501 21.68 -6.99 -18.23
N LEU B 502 21.23 -8.17 -17.80
CA LEU B 502 21.11 -8.42 -16.37
C LEU B 502 22.48 -8.48 -15.69
N LYS B 503 23.48 -9.05 -16.36
CA LYS B 503 24.83 -9.10 -15.78
C LYS B 503 25.35 -7.69 -15.56
N SER B 504 24.96 -6.75 -16.43
CA SER B 504 25.37 -5.37 -16.26
C SER B 504 24.48 -4.63 -15.28
N CYS B 505 23.15 -4.74 -15.42
CA CYS B 505 22.28 -3.86 -14.66
C CYS B 505 22.01 -4.35 -13.26
N LEU B 506 22.27 -5.62 -12.95
CA LEU B 506 22.13 -6.13 -11.58
C LEU B 506 23.42 -6.09 -10.79
N ALA B 507 24.53 -5.75 -11.42
CA ALA B 507 25.76 -5.49 -10.67
C ALA B 507 25.64 -4.15 -9.96
N ALA B 508 26.60 -3.89 -9.06
CA ALA B 508 26.53 -2.74 -8.17
C ALA B 508 26.50 -1.42 -8.94
N ASP B 509 27.08 -1.38 -10.15
CA ASP B 509 27.05 -0.17 -10.95
C ASP B 509 25.70 0.04 -11.62
N HIS B 510 24.86 -0.98 -11.70
CA HIS B 510 23.51 -0.90 -12.30
C HIS B 510 23.51 -0.11 -13.59
N LYS B 511 24.45 -0.47 -14.48
CA LYS B 511 24.53 0.14 -15.80
C LYS B 511 23.69 -0.63 -16.80
N THR B 512 23.07 0.09 -17.73
CA THR B 512 22.36 -0.56 -18.82
C THR B 512 23.24 -0.60 -20.07
N LEU B 513 23.04 -1.65 -20.85
CA LEU B 513 23.62 -1.74 -22.19
C LEU B 513 22.87 -0.87 -23.20
N GLY B 514 21.77 -0.24 -22.81
CA GLY B 514 21.12 0.73 -23.70
C GLY B 514 20.56 0.06 -24.94
N GLN B 515 20.97 0.58 -26.10
CA GLN B 515 20.50 0.03 -27.37
C GLN B 515 20.83 -1.45 -27.50
N ASP B 516 21.98 -1.85 -26.94
CA ASP B 516 22.42 -3.24 -27.04
C ASP B 516 21.62 -4.17 -26.14
N ALA B 517 20.75 -3.63 -25.27
CA ALA B 517 19.81 -4.47 -24.52
C ALA B 517 18.65 -4.94 -25.40
N ARG B 518 18.41 -4.26 -26.52
CA ARG B 518 17.27 -4.58 -27.36
C ARG B 518 17.56 -5.75 -28.28
N ILE B 519 16.53 -6.54 -28.54
CA ILE B 519 16.64 -7.55 -29.58
C ILE B 519 16.29 -6.97 -30.95
P PO4 C . -9.47 18.79 -10.01
O1 PO4 C . -8.27 18.68 -10.90
O2 PO4 C . -9.03 19.00 -8.58
O3 PO4 C . -10.32 17.55 -10.11
O4 PO4 C . -10.30 19.96 -10.48
P PO4 D . 0.73 2.17 -5.47
O1 PO4 D . 1.39 1.26 -6.46
O2 PO4 D . 1.50 2.13 -4.19
O3 PO4 D . -0.71 1.70 -5.26
O4 PO4 D . 0.67 3.58 -6.00
ZN ZN E . -22.08 11.58 -28.92
ZN ZN F . 11.43 2.37 -28.16
P PO4 G . 0.28 -1.65 5.93
O1 PO4 G . -0.28 -2.55 4.84
O2 PO4 G . 1.17 -2.48 6.82
O3 PO4 G . -0.85 -1.04 6.73
O4 PO4 G . 1.05 -0.52 5.30
ZN ZN H . -4.92 -32.43 16.22
ZN ZN I . -7.16 1.16 29.85
ZN ZN J . 22.61 -1.94 -5.96
#